data_8FO4
#
_entry.id   8FO4
#
_cell.length_a   45.495
_cell.length_b   63.190
_cell.length_c   86.978
_cell.angle_alpha   84.76
_cell.angle_beta   87.70
_cell.angle_gamma   81.18
#
_symmetry.space_group_name_H-M   'P 1'
#
loop_
_entity.id
_entity.type
_entity.pdbx_description
1 polymer 'H9 immunoglobulin light chain'
2 non-polymer 6-methyl-2-{2-[(1E)-3-(2-nitrophenyl)prop-1-en-1-yl]hydrazinyl}pyrimidin-4(5H)-one
3 non-polymer 'PHOSPHATE ION'
4 water water
#
_entity_poly.entity_id   1
_entity_poly.type   'polypeptide(L)'
_entity_poly.pdbx_seq_one_letter_code
;QSALTQPPSASGSPGQSVTISCTGTSSDVGGSDSVSWYQQHPGKAPKLIIYEVSQRPSGVPNRFSGSKSGNTASLTVSGL
QAEDDADYYCSSYGGDNNLFFGGGTKVTVLGQPKAAPSVTLFPPSSEELQANKATLVCLISDFYPGAVTVAWKADSSPVK
AGVETTTPSKQSNNKYAASSYLSLTPEQWKSHRSYSCQVTHEGSTVEKTVAPTECS
;
_entity_poly.pdbx_strand_id   A,B,C,D
#
loop_
_chem_comp.id
_chem_comp.type
_chem_comp.name
_chem_comp.formula
PO4 non-polymer 'PHOSPHATE ION' 'O4 P -3'
Y4Q non-polymer 6-methyl-2-{2-[(1E)-3-(2-nitrophenyl)prop-1-en-1-yl]hydrazinyl}pyrimidin-4(5H)-one 'C14 H15 N5 O3'
#
# COMPACT_ATOMS: atom_id res chain seq x y z
N GLN A 1 7.83 -4.46 -21.85
CA GLN A 1 7.75 -5.95 -21.90
C GLN A 1 8.05 -6.43 -23.33
N SER A 2 8.98 -7.41 -23.44
CA SER A 2 9.60 -7.91 -24.70
C SER A 2 8.62 -8.77 -25.50
N ALA A 3 8.57 -8.59 -26.81
CA ALA A 3 7.64 -9.35 -27.70
C ALA A 3 7.76 -10.86 -27.41
N LEU A 4 9.00 -11.36 -27.17
CA LEU A 4 9.28 -12.77 -26.76
C LEU A 4 9.73 -12.79 -25.30
N THR A 5 9.40 -13.88 -24.60
CA THR A 5 9.65 -14.05 -23.15
C THR A 5 10.81 -15.03 -22.89
N GLN A 6 11.87 -14.49 -22.29
CA GLN A 6 13.09 -15.21 -21.83
C GLN A 6 13.18 -15.01 -20.33
N PRO A 7 13.59 -16.04 -19.54
CA PRO A 7 13.92 -15.85 -18.14
C PRO A 7 14.99 -14.77 -18.06
N PRO A 8 14.99 -13.93 -17.01
CA PRO A 8 15.98 -12.86 -16.90
C PRO A 8 17.44 -13.31 -16.75
N SER A 9 17.69 -14.42 -16.09
CA SER A 9 19.05 -14.83 -15.62
C SER A 9 19.19 -16.34 -15.55
N ALA A 10 20.44 -16.79 -15.48
CA ALA A 10 20.81 -18.21 -15.37
C ALA A 10 22.29 -18.29 -15.08
N SER A 11 22.74 -19.37 -14.46
CA SER A 11 24.11 -19.46 -13.87
C SER A 11 24.53 -20.93 -13.82
N GLY A 12 25.85 -21.15 -13.88
CA GLY A 12 26.50 -22.45 -13.56
C GLY A 12 27.93 -22.26 -13.20
N SER A 13 28.54 -23.26 -12.54
CA SER A 13 30.00 -23.33 -12.33
C SER A 13 30.59 -23.83 -13.64
N PRO A 14 31.90 -23.66 -13.88
CA PRO A 14 32.58 -24.27 -15.03
C PRO A 14 32.26 -25.76 -15.23
N GLY A 15 31.92 -26.14 -16.47
CA GLY A 15 31.62 -27.52 -16.88
C GLY A 15 30.17 -27.86 -16.66
N GLN A 16 29.38 -26.99 -16.03
CA GLN A 16 27.95 -27.29 -15.80
C GLN A 16 27.15 -26.99 -17.08
N SER A 17 25.87 -27.34 -17.09
CA SER A 17 24.93 -27.00 -18.18
C SER A 17 23.98 -25.90 -17.73
N VAL A 18 23.51 -25.08 -18.67
CA VAL A 18 22.40 -24.12 -18.47
C VAL A 18 21.46 -24.20 -19.67
N THR A 19 20.14 -24.28 -19.45
CA THR A 19 19.11 -24.25 -20.51
C THR A 19 18.24 -23.00 -20.33
N ILE A 20 18.02 -22.22 -21.39
CA ILE A 20 17.23 -20.95 -21.32
C ILE A 20 16.15 -20.95 -22.41
N SER A 21 14.97 -20.47 -22.02
CA SER A 21 13.70 -20.58 -22.80
C SER A 21 13.38 -19.23 -23.45
N CYS A 22 12.60 -19.30 -24.51
CA CYS A 22 12.17 -18.13 -25.32
C CYS A 22 10.77 -18.45 -25.84
N THR A 23 9.75 -17.82 -25.24
CA THR A 23 8.31 -18.13 -25.49
C THR A 23 7.65 -17.00 -26.28
N GLY A 24 6.97 -17.36 -27.38
CA GLY A 24 6.13 -16.48 -28.23
C GLY A 24 4.77 -17.12 -28.48
N THR A 25 4.17 -16.86 -29.63
CA THR A 25 2.81 -17.32 -30.03
C THR A 25 2.96 -18.13 -31.32
N SER A 26 1.84 -18.66 -31.83
CA SER A 26 1.85 -19.49 -33.07
C SER A 26 2.18 -18.58 -34.26
N SER A 27 1.98 -17.26 -34.09
CA SER A 27 2.26 -16.20 -35.12
C SER A 27 3.77 -16.04 -35.40
N ASP A 28 4.63 -16.48 -34.47
CA ASP A 28 6.10 -16.25 -34.55
C ASP A 28 6.83 -17.57 -34.24
N VAL A 29 7.11 -17.82 -32.95
CA VAL A 29 7.91 -18.98 -32.44
C VAL A 29 7.27 -20.26 -32.98
N GLY A 30 5.94 -20.39 -32.82
CA GLY A 30 5.22 -21.68 -32.88
C GLY A 30 4.71 -22.08 -34.26
N GLY A 31 5.03 -21.29 -35.31
CA GLY A 31 4.59 -21.53 -36.70
C GLY A 31 5.75 -21.70 -37.68
N SER A 32 6.90 -21.09 -37.42
CA SER A 32 8.08 -21.03 -38.32
C SER A 32 9.34 -21.44 -37.55
N ASP A 33 10.24 -22.18 -38.20
CA ASP A 33 11.55 -22.58 -37.62
C ASP A 33 12.54 -21.44 -37.91
N SER A 34 12.25 -20.26 -37.36
CA SER A 34 12.98 -18.99 -37.64
C SER A 34 13.43 -18.35 -36.31
N VAL A 35 13.72 -19.15 -35.29
CA VAL A 35 14.21 -18.66 -33.97
C VAL A 35 15.73 -18.61 -34.00
N SER A 36 16.30 -17.46 -33.66
CA SER A 36 17.77 -17.24 -33.57
C SER A 36 18.17 -16.96 -32.13
N TRP A 37 19.41 -17.30 -31.80
CA TRP A 37 20.01 -16.93 -30.49
C TRP A 37 21.30 -16.16 -30.77
N TYR A 38 21.54 -15.12 -29.98
CA TYR A 38 22.72 -14.24 -30.08
C TYR A 38 23.42 -14.24 -28.74
N GLN A 39 24.74 -14.19 -28.81
CA GLN A 39 25.62 -14.04 -27.64
C GLN A 39 26.22 -12.65 -27.73
N GLN A 40 26.13 -11.87 -26.66
CA GLN A 40 26.69 -10.51 -26.65
C GLN A 40 27.43 -10.31 -25.34
N HIS A 41 28.74 -10.08 -25.45
CA HIS A 41 29.63 -9.61 -24.36
C HIS A 41 29.38 -8.12 -24.18
N PRO A 42 29.16 -7.66 -22.94
CA PRO A 42 28.91 -6.24 -22.69
C PRO A 42 29.86 -5.35 -23.50
N GLY A 43 29.33 -4.38 -24.26
CA GLY A 43 30.14 -3.43 -25.06
C GLY A 43 30.40 -3.88 -26.50
N LYS A 44 30.36 -5.20 -26.78
CA LYS A 44 30.76 -5.79 -28.10
C LYS A 44 29.53 -6.07 -28.97
N ALA A 45 29.74 -6.23 -30.29
CA ALA A 45 28.74 -6.68 -31.27
C ALA A 45 28.20 -8.06 -30.89
N PRO A 46 26.92 -8.34 -31.22
CA PRO A 46 26.36 -9.67 -31.01
C PRO A 46 27.01 -10.69 -31.93
N LYS A 47 27.03 -11.95 -31.50
CA LYS A 47 27.47 -13.12 -32.30
C LYS A 47 26.25 -14.02 -32.51
N LEU A 48 25.99 -14.44 -33.75
CA LEU A 48 24.91 -15.42 -34.04
C LEU A 48 25.37 -16.83 -33.57
N ILE A 49 24.68 -17.44 -32.62
CA ILE A 49 25.11 -18.80 -32.16
C ILE A 49 24.10 -19.87 -32.60
N ILE A 50 22.82 -19.53 -32.79
CA ILE A 50 21.82 -20.46 -33.38
C ILE A 50 20.93 -19.67 -34.35
N TYR A 51 20.61 -20.28 -35.50
CA TYR A 51 19.56 -19.79 -36.43
C TYR A 51 18.63 -20.93 -36.79
N GLU A 52 17.42 -20.59 -37.23
CA GLU A 52 16.42 -21.59 -37.68
C GLU A 52 16.34 -22.71 -36.63
N VAL A 53 16.17 -22.29 -35.38
CA VAL A 53 15.94 -23.15 -34.19
C VAL A 53 17.20 -23.90 -33.73
N SER A 54 17.97 -24.54 -34.60
CA SER A 54 18.91 -25.63 -34.22
C SER A 54 20.26 -25.53 -34.94
N GLN A 55 20.38 -24.66 -35.93
CA GLN A 55 21.59 -24.60 -36.81
C GLN A 55 22.65 -23.74 -36.13
N ARG A 56 23.87 -24.26 -36.03
CA ARG A 56 25.05 -23.52 -35.53
C ARG A 56 25.83 -23.00 -36.71
N PRO A 57 26.08 -21.68 -36.81
CA PRO A 57 27.03 -21.17 -37.78
C PRO A 57 28.42 -21.79 -37.54
N SER A 58 29.28 -21.72 -38.54
CA SER A 58 30.66 -22.25 -38.49
C SER A 58 31.42 -21.48 -37.41
N GLY A 59 32.22 -22.21 -36.64
CA GLY A 59 33.00 -21.65 -35.52
C GLY A 59 32.25 -21.76 -34.20
N VAL A 60 30.96 -22.12 -34.22
CA VAL A 60 30.13 -22.28 -32.99
C VAL A 60 30.15 -23.75 -32.58
N PRO A 61 30.70 -24.09 -31.41
CA PRO A 61 30.88 -25.48 -31.02
C PRO A 61 29.57 -26.18 -30.64
N ASN A 62 29.58 -27.51 -30.60
CA ASN A 62 28.33 -28.33 -30.48
C ASN A 62 27.87 -28.34 -29.02
N ARG A 63 28.63 -27.69 -28.13
CA ARG A 63 28.23 -27.36 -26.74
C ARG A 63 26.91 -26.56 -26.74
N PHE A 64 26.74 -25.70 -27.73
CA PHE A 64 25.53 -24.87 -27.92
C PHE A 64 24.55 -25.70 -28.76
N SER A 65 23.32 -25.88 -28.27
CA SER A 65 22.22 -26.53 -29.03
C SER A 65 20.91 -25.75 -28.86
N GLY A 66 20.13 -25.75 -29.92
CA GLY A 66 18.80 -25.10 -30.00
C GLY A 66 17.71 -26.11 -30.32
N SER A 67 16.58 -26.00 -29.63
CA SER A 67 15.36 -26.83 -29.83
C SER A 67 14.12 -25.93 -29.75
N LYS A 68 12.98 -26.42 -30.25
CA LYS A 68 11.67 -25.74 -30.18
C LYS A 68 10.58 -26.78 -29.92
N SER A 69 9.67 -26.47 -29.00
CA SER A 69 8.47 -27.29 -28.68
C SER A 69 7.24 -26.38 -28.58
N GLY A 70 6.29 -26.56 -29.51
CA GLY A 70 5.09 -25.70 -29.59
C GLY A 70 5.49 -24.24 -29.76
N ASN A 71 5.26 -23.40 -28.74
CA ASN A 71 5.48 -21.93 -28.83
C ASN A 71 6.72 -21.53 -28.04
N THR A 72 7.56 -22.51 -27.64
CA THR A 72 8.81 -22.23 -26.87
C THR A 72 10.06 -22.92 -27.46
N ALA A 73 11.07 -22.09 -27.73
CA ALA A 73 12.43 -22.48 -28.18
C ALA A 73 13.38 -22.43 -26.98
N SER A 74 14.35 -23.36 -26.93
CA SER A 74 15.37 -23.39 -25.85
C SER A 74 16.78 -23.43 -26.45
N LEU A 75 17.72 -22.78 -25.79
CA LEU A 75 19.17 -22.84 -26.05
C LEU A 75 19.81 -23.54 -24.86
N THR A 76 20.56 -24.61 -25.08
CA THR A 76 21.32 -25.29 -24.01
C THR A 76 22.80 -25.01 -24.25
N VAL A 77 23.49 -24.60 -23.20
CA VAL A 77 24.96 -24.46 -23.19
C VAL A 77 25.48 -25.55 -22.25
N SER A 78 26.18 -26.53 -22.81
N SER A 78 26.16 -26.54 -22.81
CA SER A 78 26.84 -27.62 -22.04
CA SER A 78 26.83 -27.63 -22.05
C SER A 78 28.31 -27.27 -21.83
C SER A 78 28.30 -27.24 -21.81
N GLY A 79 28.89 -27.79 -20.74
CA GLY A 79 30.30 -27.58 -20.41
C GLY A 79 30.62 -26.10 -20.38
N LEU A 80 29.91 -25.32 -19.55
CA LEU A 80 30.16 -23.86 -19.43
C LEU A 80 31.66 -23.57 -19.27
N GLN A 81 32.16 -22.58 -20.02
CA GLN A 81 33.54 -22.03 -19.91
C GLN A 81 33.44 -20.52 -19.62
N ALA A 82 34.49 -19.96 -19.02
CA ALA A 82 34.67 -18.51 -18.79
C ALA A 82 33.99 -17.68 -19.88
N GLU A 83 34.44 -17.85 -21.13
CA GLU A 83 34.06 -17.04 -22.31
C GLU A 83 32.55 -17.11 -22.60
N ASP A 84 31.80 -18.03 -21.99
CA ASP A 84 30.35 -18.20 -22.24
C ASP A 84 29.54 -17.21 -21.38
N ASP A 85 30.18 -16.59 -20.38
CA ASP A 85 29.53 -15.58 -19.50
C ASP A 85 29.20 -14.39 -20.41
N ALA A 86 27.91 -14.15 -20.66
CA ALA A 86 27.44 -13.06 -21.54
C ALA A 86 25.93 -12.92 -21.45
N ASP A 87 25.40 -11.94 -22.19
CA ASP A 87 23.96 -11.77 -22.46
C ASP A 87 23.53 -12.68 -23.62
N TYR A 88 22.42 -13.40 -23.50
CA TYR A 88 21.87 -14.23 -24.61
C TYR A 88 20.50 -13.66 -24.96
N TYR A 89 20.28 -13.36 -26.24
CA TYR A 89 18.96 -12.92 -26.76
C TYR A 89 18.44 -13.96 -27.73
N CYS A 90 17.14 -14.23 -27.70
CA CYS A 90 16.47 -14.93 -28.81
C CYS A 90 15.76 -13.93 -29.72
N SER A 91 15.36 -14.39 -30.91
CA SER A 91 14.50 -13.62 -31.84
C SER A 91 13.67 -14.58 -32.69
N SER A 92 12.59 -14.05 -33.30
CA SER A 92 11.69 -14.75 -34.25
C SER A 92 11.37 -13.82 -35.43
N TYR A 93 11.47 -14.32 -36.65
CA TYR A 93 11.32 -13.55 -37.92
C TYR A 93 9.97 -13.89 -38.57
N ASN A 98 7.66 -10.04 -39.51
CA ASN A 98 8.56 -9.03 -38.89
C ASN A 98 9.40 -9.70 -37.78
N LEU A 99 10.28 -8.92 -37.13
CA LEU A 99 11.38 -9.41 -36.27
C LEU A 99 11.03 -9.11 -34.81
N PHE A 100 10.98 -10.13 -33.94
CA PHE A 100 10.63 -10.00 -32.52
C PHE A 100 11.80 -10.47 -31.63
N PHE A 101 12.16 -9.66 -30.62
CA PHE A 101 13.27 -9.93 -29.68
C PHE A 101 12.71 -10.37 -28.34
N GLY A 102 13.43 -11.28 -27.70
CA GLY A 102 13.31 -11.51 -26.24
C GLY A 102 14.00 -10.39 -25.51
N GLY A 103 13.78 -10.30 -24.20
CA GLY A 103 14.36 -9.26 -23.33
C GLY A 103 15.75 -9.60 -22.85
N GLY A 104 16.28 -10.77 -23.20
CA GLY A 104 17.67 -11.14 -22.84
C GLY A 104 17.76 -11.95 -21.56
N THR A 105 18.69 -12.90 -21.51
CA THR A 105 19.06 -13.70 -20.31
C THR A 105 20.53 -13.45 -20.02
N LYS A 106 20.84 -12.98 -18.81
CA LYS A 106 22.24 -12.86 -18.36
C LYS A 106 22.70 -14.22 -17.86
N VAL A 107 23.69 -14.80 -18.53
CA VAL A 107 24.25 -16.13 -18.15
C VAL A 107 25.56 -15.85 -17.45
N THR A 108 25.62 -16.19 -16.16
CA THR A 108 26.86 -16.03 -15.36
C THR A 108 27.52 -17.39 -15.13
N VAL A 109 28.82 -17.46 -15.43
CA VAL A 109 29.75 -18.52 -14.96
C VAL A 109 30.30 -18.12 -13.58
N LEU A 110 29.84 -18.80 -12.54
CA LEU A 110 30.01 -18.37 -11.12
C LEU A 110 31.51 -18.14 -10.81
N GLY A 111 31.87 -16.89 -10.49
CA GLY A 111 33.23 -16.50 -10.07
C GLY A 111 33.40 -16.50 -8.56
N GLN A 112 32.34 -16.78 -7.80
CA GLN A 112 32.23 -16.71 -6.33
C GLN A 112 30.91 -17.35 -5.94
N PRO A 113 30.69 -17.65 -4.65
CA PRO A 113 29.43 -18.23 -4.24
C PRO A 113 28.22 -17.33 -4.57
N LYS A 114 27.11 -17.98 -4.88
CA LYS A 114 25.82 -17.29 -5.03
C LYS A 114 25.40 -16.74 -3.68
N ALA A 115 24.78 -15.56 -3.69
CA ALA A 115 24.25 -14.90 -2.49
C ALA A 115 22.91 -14.26 -2.86
N ALA A 116 21.89 -14.51 -2.06
CA ALA A 116 20.53 -13.98 -2.24
C ALA A 116 20.53 -12.51 -1.77
N PRO A 117 19.74 -11.65 -2.42
CA PRO A 117 19.74 -10.24 -2.07
C PRO A 117 19.10 -9.95 -0.70
N SER A 118 19.65 -8.98 0.01
CA SER A 118 18.96 -8.27 1.11
C SER A 118 18.05 -7.21 0.46
N VAL A 119 16.76 -7.20 0.80
CA VAL A 119 15.75 -6.30 0.16
C VAL A 119 15.07 -5.50 1.27
N THR A 120 15.11 -4.18 1.14
CA THR A 120 14.53 -3.24 2.12
C THR A 120 13.73 -2.21 1.31
N LEU A 121 12.46 -2.04 1.67
CA LEU A 121 11.51 -1.17 0.96
C LEU A 121 11.24 0.00 1.89
N PHE A 122 11.59 1.20 1.44
CA PHE A 122 11.42 2.42 2.25
C PHE A 122 10.21 3.18 1.73
N PRO A 123 9.24 3.53 2.61
CA PRO A 123 8.16 4.43 2.25
C PRO A 123 8.66 5.87 2.16
N PRO A 124 7.83 6.82 1.65
CA PRO A 124 8.31 8.19 1.43
C PRO A 124 8.68 8.83 2.76
N SER A 125 9.74 9.61 2.77
CA SER A 125 10.22 10.36 3.95
C SER A 125 9.34 11.60 4.11
N SER A 126 9.26 12.11 5.34
CA SER A 126 8.58 13.39 5.67
C SER A 126 9.03 14.52 4.75
N GLU A 127 10.33 14.71 4.64
CA GLU A 127 10.92 15.83 3.88
C GLU A 127 10.48 15.81 2.40
N GLU A 128 10.56 14.66 1.71
CA GLU A 128 10.20 14.62 0.28
C GLU A 128 8.68 14.84 0.14
N LEU A 129 7.85 14.42 1.09
CA LEU A 129 6.39 14.61 1.00
C LEU A 129 6.08 16.12 1.00
N GLN A 130 6.78 16.89 1.84
CA GLN A 130 6.58 18.36 1.96
C GLN A 130 7.15 19.06 0.74
N ALA A 131 7.90 18.34 -0.12
CA ALA A 131 8.28 18.77 -1.49
C ALA A 131 7.37 18.16 -2.56
N ASN A 132 6.23 17.59 -2.19
CA ASN A 132 5.26 16.96 -3.14
C ASN A 132 5.93 15.82 -3.90
N LYS A 133 6.78 15.04 -3.24
CA LYS A 133 7.40 13.84 -3.85
C LYS A 133 7.11 12.68 -2.91
N ALA A 134 6.69 11.54 -3.47
CA ALA A 134 6.46 10.29 -2.72
C ALA A 134 7.27 9.16 -3.35
N THR A 135 8.52 9.43 -3.72
CA THR A 135 9.46 8.40 -4.22
C THR A 135 9.64 7.31 -3.16
N LEU A 136 9.37 6.07 -3.55
CA LEU A 136 9.68 4.83 -2.80
C LEU A 136 11.04 4.33 -3.29
N VAL A 137 11.79 3.65 -2.44
N VAL A 137 11.80 3.67 -2.42
CA VAL A 137 13.14 3.12 -2.80
CA VAL A 137 13.15 3.10 -2.74
C VAL A 137 13.23 1.70 -2.23
C VAL A 137 13.19 1.67 -2.23
N CYS A 138 13.58 0.76 -3.10
CA CYS A 138 13.79 -0.68 -2.81
C CYS A 138 15.30 -0.92 -2.89
N LEU A 139 15.96 -1.06 -1.77
CA LEU A 139 17.43 -1.25 -1.72
C LEU A 139 17.65 -2.77 -1.76
N ILE A 140 18.48 -3.18 -2.72
CA ILE A 140 18.82 -4.60 -3.01
C ILE A 140 20.35 -4.70 -2.86
N SER A 141 20.85 -5.35 -1.81
CA SER A 141 22.32 -5.43 -1.59
C SER A 141 22.82 -6.88 -1.42
N ASP A 142 24.13 -7.09 -1.52
CA ASP A 142 24.85 -8.30 -1.03
C ASP A 142 24.46 -9.51 -1.88
N PHE A 143 24.28 -9.33 -3.19
CA PHE A 143 23.87 -10.42 -4.07
C PHE A 143 24.93 -10.74 -5.13
N TYR A 144 24.84 -12.00 -5.58
CA TYR A 144 25.68 -12.60 -6.63
C TYR A 144 24.95 -13.80 -7.21
N PRO A 145 24.90 -13.99 -8.56
CA PRO A 145 25.42 -13.05 -9.55
C PRO A 145 24.73 -11.66 -9.57
N GLY A 146 25.38 -10.69 -10.23
CA GLY A 146 24.98 -9.28 -10.32
C GLY A 146 23.88 -9.05 -11.35
N ALA A 147 22.86 -9.92 -11.34
CA ALA A 147 21.70 -9.92 -12.26
C ALA A 147 20.43 -9.95 -11.42
N VAL A 148 19.55 -8.99 -11.60
CA VAL A 148 18.29 -8.97 -10.83
C VAL A 148 17.24 -8.26 -11.68
N THR A 149 15.99 -8.59 -11.43
CA THR A 149 14.81 -7.95 -12.06
C THR A 149 13.90 -7.49 -10.92
N VAL A 150 13.32 -6.30 -11.06
CA VAL A 150 12.41 -5.75 -10.02
C VAL A 150 11.04 -5.46 -10.66
N ALA A 151 9.96 -6.01 -10.11
CA ALA A 151 8.57 -5.60 -10.43
C ALA A 151 8.02 -4.79 -9.26
N TRP A 152 7.11 -3.84 -9.53
CA TRP A 152 6.37 -3.06 -8.50
C TRP A 152 4.86 -3.35 -8.59
N LYS A 153 4.15 -3.42 -7.45
CA LYS A 153 2.67 -3.59 -7.37
C LYS A 153 2.00 -2.41 -6.65
N ALA A 154 0.76 -2.09 -7.05
CA ALA A 154 -0.19 -1.14 -6.42
C ALA A 154 -1.41 -1.94 -5.97
N ASP A 155 -1.63 -2.04 -4.66
CA ASP A 155 -2.67 -2.92 -4.09
C ASP A 155 -2.33 -4.37 -4.48
N SER A 156 -3.22 -5.06 -5.19
CA SER A 156 -3.08 -6.50 -5.54
C SER A 156 -2.83 -6.68 -7.03
N SER A 157 -2.25 -5.70 -7.73
CA SER A 157 -2.12 -5.73 -9.20
C SER A 157 -0.86 -5.00 -9.63
N PRO A 158 -0.21 -5.39 -10.76
CA PRO A 158 1.04 -4.75 -11.22
C PRO A 158 0.89 -3.24 -11.45
N VAL A 159 1.97 -2.47 -11.23
CA VAL A 159 2.12 -1.04 -11.69
C VAL A 159 3.08 -1.04 -12.89
N LYS A 160 3.02 -0.03 -13.77
CA LYS A 160 3.91 0.09 -14.95
C LYS A 160 4.92 1.23 -14.76
N ALA A 161 4.60 2.45 -15.19
CA ALA A 161 5.50 3.63 -15.18
C ALA A 161 5.79 4.07 -13.74
N GLY A 162 6.74 5.00 -13.58
CA GLY A 162 7.35 5.39 -12.30
C GLY A 162 8.70 4.73 -12.05
N VAL A 163 8.80 3.40 -12.31
CA VAL A 163 9.89 2.45 -11.90
C VAL A 163 11.21 2.82 -12.62
N GLU A 164 12.26 3.13 -11.85
CA GLU A 164 13.69 3.20 -12.27
C GLU A 164 14.50 2.20 -11.42
N THR A 165 15.48 1.52 -12.01
CA THR A 165 16.38 0.56 -11.34
C THR A 165 17.81 0.82 -11.82
N THR A 166 18.76 1.02 -10.91
CA THR A 166 20.19 1.26 -11.22
C THR A 166 20.85 -0.05 -11.67
N THR A 167 21.88 0.06 -12.49
CA THR A 167 22.79 -1.01 -12.93
C THR A 167 23.55 -1.54 -11.71
N PRO A 168 23.41 -2.84 -11.37
CA PRO A 168 24.06 -3.41 -10.17
C PRO A 168 25.56 -3.16 -10.21
N SER A 169 26.12 -2.71 -9.09
CA SER A 169 27.57 -2.43 -9.00
C SER A 169 28.18 -3.24 -7.84
N LYS A 170 29.45 -3.59 -7.99
CA LYS A 170 30.15 -4.47 -7.01
C LYS A 170 30.63 -3.60 -5.86
N GLN A 171 30.21 -3.89 -4.65
CA GLN A 171 30.52 -3.05 -3.47
C GLN A 171 31.81 -3.57 -2.81
N SER A 172 32.16 -3.05 -1.64
CA SER A 172 33.45 -3.30 -0.97
C SER A 172 33.53 -4.78 -0.52
N ASN A 173 32.41 -5.49 -0.35
CA ASN A 173 32.41 -6.92 0.10
C ASN A 173 32.41 -7.83 -1.13
N ASN A 174 32.54 -7.26 -2.33
CA ASN A 174 32.65 -7.98 -3.62
C ASN A 174 31.30 -8.59 -4.04
N LYS A 175 30.20 -8.20 -3.39
CA LYS A 175 28.82 -8.52 -3.83
C LYS A 175 28.17 -7.26 -4.46
N TYR A 176 27.07 -7.46 -5.17
CA TYR A 176 26.42 -6.39 -5.95
C TYR A 176 25.35 -5.71 -5.12
N ALA A 177 25.10 -4.44 -5.43
CA ALA A 177 24.04 -3.64 -4.82
C ALA A 177 23.41 -2.79 -5.92
N ALA A 178 22.09 -2.60 -5.81
CA ALA A 178 21.28 -1.77 -6.72
C ALA A 178 20.11 -1.18 -5.94
N SER A 179 19.47 -0.21 -6.59
CA SER A 179 18.31 0.56 -6.07
C SER A 179 17.27 0.64 -7.18
N SER A 180 16.06 0.22 -6.84
CA SER A 180 14.81 0.44 -7.62
C SER A 180 14.01 1.52 -6.86
N TYR A 181 13.67 2.61 -7.54
CA TYR A 181 12.77 3.65 -6.98
C TYR A 181 11.59 3.94 -7.90
N LEU A 182 10.42 4.05 -7.27
CA LEU A 182 9.11 4.37 -7.86
C LEU A 182 8.73 5.81 -7.47
N SER A 183 8.85 6.72 -8.43
CA SER A 183 8.67 8.19 -8.22
CA SER A 183 8.67 8.19 -8.23
C SER A 183 7.19 8.56 -8.21
N LEU A 184 6.47 8.18 -7.15
CA LEU A 184 5.04 8.52 -6.90
C LEU A 184 4.86 10.02 -6.62
N THR A 185 3.65 10.55 -6.89
CA THR A 185 3.11 11.82 -6.33
C THR A 185 2.52 11.47 -4.97
N PRO A 186 2.43 12.42 -4.00
CA PRO A 186 1.74 12.12 -2.75
C PRO A 186 0.31 11.59 -2.97
N GLU A 187 -0.38 12.07 -3.99
CA GLU A 187 -1.78 11.70 -4.26
CA GLU A 187 -1.80 11.68 -4.23
C GLU A 187 -1.82 10.20 -4.61
N GLN A 188 -0.92 9.75 -5.48
CA GLN A 188 -0.84 8.31 -5.84
C GLN A 188 -0.55 7.51 -4.58
N TRP A 189 0.43 7.94 -3.78
CA TRP A 189 0.88 7.19 -2.57
C TRP A 189 -0.25 7.13 -1.57
N LYS A 190 -0.91 8.26 -1.29
CA LYS A 190 -1.90 8.35 -0.18
C LYS A 190 -3.21 7.64 -0.57
N SER A 191 -3.47 7.44 -1.86
CA SER A 191 -4.77 6.93 -2.37
C SER A 191 -4.79 5.41 -2.65
N HIS A 192 -3.68 4.69 -2.45
CA HIS A 192 -3.63 3.20 -2.60
C HIS A 192 -3.52 2.56 -1.22
N ARG A 193 -3.99 1.30 -1.09
CA ARG A 193 -3.94 0.48 0.14
C ARG A 193 -2.48 0.22 0.55
N SER A 194 -1.61 0.05 -0.44
CA SER A 194 -0.20 -0.39 -0.28
C SER A 194 0.49 -0.33 -1.64
N TYR A 195 1.83 -0.27 -1.66
CA TYR A 195 2.67 -0.53 -2.85
C TYR A 195 3.66 -1.64 -2.50
N SER A 196 4.13 -2.39 -3.48
CA SER A 196 4.98 -3.58 -3.24
C SER A 196 6.14 -3.60 -4.21
N CYS A 197 7.31 -4.06 -3.74
CA CYS A 197 8.54 -4.24 -4.53
C CYS A 197 8.81 -5.75 -4.60
N GLN A 198 8.98 -6.30 -5.80
CA GLN A 198 9.20 -7.75 -6.02
C GLN A 198 10.57 -7.93 -6.66
N VAL A 199 11.50 -8.59 -5.97
CA VAL A 199 12.90 -8.71 -6.42
C VAL A 199 13.13 -10.20 -6.74
N THR A 200 13.51 -10.46 -7.98
CA THR A 200 13.79 -11.80 -8.55
C THR A 200 15.29 -11.93 -8.84
N HIS A 201 15.89 -12.98 -8.30
CA HIS A 201 17.34 -13.28 -8.38
C HIS A 201 17.48 -14.80 -8.34
N GLU A 202 18.09 -15.40 -9.36
CA GLU A 202 18.36 -16.86 -9.33
C GLU A 202 17.05 -17.64 -9.19
N GLY A 203 16.03 -17.21 -9.91
CA GLY A 203 14.72 -17.88 -9.99
C GLY A 203 13.91 -17.85 -8.69
N SER A 204 14.32 -17.12 -7.64
CA SER A 204 13.50 -16.91 -6.42
C SER A 204 13.11 -15.43 -6.30
N THR A 205 11.86 -15.16 -5.92
CA THR A 205 11.32 -13.79 -5.84
C THR A 205 11.05 -13.43 -4.38
N VAL A 206 11.53 -12.25 -3.97
CA VAL A 206 11.28 -11.64 -2.63
C VAL A 206 10.23 -10.55 -2.85
N GLU A 207 9.19 -10.46 -1.99
CA GLU A 207 8.22 -9.32 -2.01
C GLU A 207 8.28 -8.52 -0.71
N LYS A 208 8.35 -7.19 -0.83
CA LYS A 208 8.15 -6.23 0.29
C LYS A 208 6.98 -5.29 -0.05
N THR A 209 6.18 -5.00 0.96
CA THR A 209 4.97 -4.15 0.88
C THR A 209 5.10 -3.01 1.87
N VAL A 210 4.71 -1.80 1.48
CA VAL A 210 4.55 -0.68 2.44
C VAL A 210 3.23 0.03 2.16
N ALA A 211 2.65 0.64 3.18
CA ALA A 211 1.37 1.39 3.11
C ALA A 211 1.51 2.71 3.88
N PRO A 212 0.71 3.75 3.51
CA PRO A 212 0.75 5.07 4.16
C PRO A 212 0.40 4.97 5.63
N THR A 213 1.00 5.82 6.46
CA THR A 213 0.69 5.92 7.91
C THR A 213 0.46 7.39 8.31
N GLU A 214 0.03 7.60 9.55
CA GLU A 214 -0.34 8.92 10.14
C GLU A 214 0.55 9.16 11.38
N SER B 2 32.09 -13.50 -40.74
CA SER B 2 32.07 -12.41 -41.77
C SER B 2 31.41 -11.11 -41.23
N ALA B 3 32.21 -10.07 -41.02
CA ALA B 3 31.81 -8.81 -40.34
C ALA B 3 31.45 -7.74 -41.37
N LEU B 4 30.66 -6.78 -40.93
CA LEU B 4 30.42 -5.50 -41.64
C LEU B 4 31.26 -4.46 -40.94
N THR B 5 31.59 -3.36 -41.60
CA THR B 5 32.50 -2.33 -41.05
C THR B 5 31.72 -1.05 -40.72
N GLN B 6 31.72 -0.69 -39.44
CA GLN B 6 31.18 0.60 -38.94
C GLN B 6 32.29 1.40 -38.29
N PRO B 7 32.24 2.74 -38.30
CA PRO B 7 33.14 3.53 -37.48
C PRO B 7 32.81 3.30 -36.01
N PRO B 8 33.83 3.18 -35.14
CA PRO B 8 33.60 2.79 -33.75
C PRO B 8 32.83 3.90 -33.01
N SER B 9 32.95 5.14 -33.46
CA SER B 9 32.40 6.32 -32.73
C SER B 9 31.89 7.36 -33.72
N ALA B 10 30.91 8.13 -33.30
CA ALA B 10 30.40 9.31 -34.04
C ALA B 10 29.69 10.22 -33.04
N SER B 11 29.54 11.50 -33.35
CA SER B 11 28.90 12.43 -32.38
C SER B 11 28.18 13.54 -33.14
N GLY B 12 27.33 14.26 -32.42
CA GLY B 12 26.57 15.43 -32.90
C GLY B 12 26.00 16.20 -31.72
N SER B 13 25.71 17.48 -31.92
CA SER B 13 25.05 18.39 -30.95
C SER B 13 23.54 18.18 -30.95
N PRO B 14 22.85 18.43 -29.81
CA PRO B 14 21.39 18.40 -29.75
C PRO B 14 20.79 19.22 -30.90
N GLY B 15 19.78 18.69 -31.59
CA GLY B 15 19.13 19.35 -32.74
C GLY B 15 19.86 19.10 -34.05
N GLN B 16 21.08 18.59 -34.03
CA GLN B 16 21.88 18.37 -35.26
C GLN B 16 21.65 16.95 -35.79
N SER B 17 22.31 16.61 -36.90
CA SER B 17 22.28 15.27 -37.53
C SER B 17 23.58 14.54 -37.22
N VAL B 18 23.56 13.22 -37.33
CA VAL B 18 24.78 12.40 -37.46
C VAL B 18 24.49 11.35 -38.52
N THR B 19 25.45 11.05 -39.37
CA THR B 19 25.34 9.94 -40.34
C THR B 19 26.41 8.89 -40.03
N ILE B 20 26.02 7.62 -39.99
CA ILE B 20 26.96 6.51 -39.67
C ILE B 20 26.82 5.47 -40.77
N SER B 21 27.96 4.89 -41.18
CA SER B 21 28.04 3.97 -42.34
C SER B 21 28.28 2.53 -41.88
N CYS B 22 27.91 1.60 -42.76
CA CYS B 22 27.99 0.13 -42.62
C CYS B 22 28.50 -0.40 -43.95
N THR B 23 29.78 -0.75 -44.05
CA THR B 23 30.37 -1.17 -45.34
C THR B 23 30.43 -2.69 -45.37
N GLY B 24 29.74 -3.31 -46.32
CA GLY B 24 29.83 -4.76 -46.57
C GLY B 24 30.52 -5.07 -47.91
N THR B 25 30.23 -6.24 -48.45
CA THR B 25 30.76 -6.68 -49.78
C THR B 25 29.58 -6.76 -50.74
N SER B 26 29.84 -6.99 -52.01
CA SER B 26 28.78 -7.20 -53.04
C SER B 26 27.92 -8.42 -52.72
N SER B 27 28.32 -9.36 -51.85
CA SER B 27 27.50 -10.55 -51.54
C SER B 27 26.72 -10.41 -50.21
N ASP B 28 26.89 -9.36 -49.41
CA ASP B 28 26.00 -9.10 -48.22
C ASP B 28 25.24 -7.79 -48.45
N VAL B 29 25.74 -6.67 -47.97
CA VAL B 29 25.11 -5.32 -48.17
C VAL B 29 24.77 -5.09 -49.65
N GLY B 30 25.71 -5.29 -50.57
CA GLY B 30 25.49 -5.03 -52.02
C GLY B 30 24.54 -6.02 -52.67
N GLY B 31 24.36 -7.21 -52.10
CA GLY B 31 23.66 -8.34 -52.75
C GLY B 31 22.17 -8.40 -52.43
N SER B 32 21.63 -7.49 -51.61
CA SER B 32 20.21 -7.54 -51.18
C SER B 32 19.83 -6.30 -50.37
N ASP B 33 18.53 -6.13 -50.15
CA ASP B 33 17.97 -4.92 -49.49
C ASP B 33 17.54 -5.28 -48.07
N SER B 34 17.96 -6.42 -47.54
CA SER B 34 17.69 -6.83 -46.14
C SER B 34 18.81 -6.29 -45.24
N VAL B 35 19.04 -4.98 -45.27
CA VAL B 35 19.94 -4.28 -44.32
C VAL B 35 19.09 -3.72 -43.17
N SER B 36 19.44 -4.05 -41.94
CA SER B 36 18.78 -3.52 -40.73
C SER B 36 19.74 -2.66 -39.93
N TRP B 37 19.17 -1.80 -39.09
CA TRP B 37 19.87 -0.99 -38.06
C TRP B 37 19.19 -1.25 -36.71
N TYR B 38 19.99 -1.34 -35.67
CA TYR B 38 19.50 -1.59 -34.29
C TYR B 38 20.13 -0.53 -33.38
N GLN B 39 19.31 0.01 -32.47
CA GLN B 39 19.74 0.90 -31.38
C GLN B 39 19.88 0.06 -30.12
N GLN B 40 20.97 0.22 -29.40
CA GLN B 40 21.13 -0.48 -28.12
C GLN B 40 21.73 0.45 -27.10
N HIS B 41 20.97 0.71 -26.04
CA HIS B 41 21.49 1.35 -24.81
C HIS B 41 22.25 0.30 -24.02
N PRO B 42 23.45 0.64 -23.49
CA PRO B 42 24.20 -0.27 -22.62
C PRO B 42 23.31 -0.91 -21.54
N GLY B 43 23.37 -2.23 -21.41
CA GLY B 43 22.61 -3.00 -20.41
C GLY B 43 21.23 -3.39 -20.91
N LYS B 44 20.78 -2.87 -22.07
CA LYS B 44 19.38 -3.09 -22.52
C LYS B 44 19.37 -3.97 -23.78
N ALA B 45 18.25 -4.63 -24.01
CA ALA B 45 17.93 -5.34 -25.26
C ALA B 45 18.05 -4.38 -26.44
N PRO B 46 18.43 -4.89 -27.62
CA PRO B 46 18.42 -4.12 -28.86
C PRO B 46 17.00 -3.85 -29.38
N LYS B 47 16.82 -2.71 -30.04
CA LYS B 47 15.57 -2.32 -30.73
C LYS B 47 15.85 -2.18 -32.24
N LEU B 48 15.11 -2.89 -33.08
CA LEU B 48 15.12 -2.64 -34.55
C LEU B 48 14.65 -1.21 -34.84
N ILE B 49 15.44 -0.37 -35.52
CA ILE B 49 14.99 0.98 -35.94
C ILE B 49 14.86 1.12 -37.48
N ILE B 50 15.52 0.28 -38.25
CA ILE B 50 15.43 0.22 -39.75
C ILE B 50 15.48 -1.25 -40.15
N TYR B 51 14.59 -1.67 -41.07
CA TYR B 51 14.72 -2.95 -41.81
C TYR B 51 14.63 -2.65 -43.31
N GLU B 52 15.04 -3.61 -44.13
CA GLU B 52 15.00 -3.49 -45.62
C GLU B 52 15.53 -2.10 -46.02
N VAL B 53 16.70 -1.73 -45.51
CA VAL B 53 17.48 -0.51 -45.85
C VAL B 53 16.86 0.79 -45.30
N SER B 54 15.55 1.03 -45.48
CA SER B 54 14.92 2.36 -45.35
C SER B 54 13.64 2.37 -44.49
N GLN B 55 13.08 1.22 -44.15
CA GLN B 55 11.71 1.07 -43.56
C GLN B 55 11.81 1.20 -42.03
N ARG B 56 10.95 1.99 -41.43
CA ARG B 56 10.87 2.13 -39.95
C ARG B 56 9.76 1.26 -39.41
N PRO B 57 10.00 0.49 -38.33
CA PRO B 57 8.91 -0.17 -37.60
C PRO B 57 8.03 0.89 -36.93
N SER B 58 6.80 0.52 -36.60
CA SER B 58 5.86 1.31 -35.76
C SER B 58 6.62 1.83 -34.56
N GLY B 59 6.47 3.13 -34.29
CA GLY B 59 6.97 3.78 -33.06
C GLY B 59 8.35 4.36 -33.24
N VAL B 60 9.01 4.13 -34.40
CA VAL B 60 10.33 4.76 -34.67
C VAL B 60 10.08 6.07 -35.39
N PRO B 61 10.54 7.21 -34.84
CA PRO B 61 10.31 8.52 -35.46
C PRO B 61 11.01 8.71 -36.81
N ASN B 62 10.54 9.67 -37.61
CA ASN B 62 11.03 9.91 -38.99
C ASN B 62 12.37 10.66 -38.94
N ARG B 63 12.84 11.01 -37.74
CA ARG B 63 14.23 11.48 -37.46
C ARG B 63 15.25 10.44 -37.89
N PHE B 64 14.88 9.16 -37.89
CA PHE B 64 15.79 8.05 -38.27
C PHE B 64 15.54 7.71 -39.74
N SER B 65 16.59 7.76 -40.56
CA SER B 65 16.46 7.44 -42.01
C SER B 65 17.63 6.58 -42.44
N GLY B 66 17.33 5.62 -43.31
CA GLY B 66 18.28 4.64 -43.85
C GLY B 66 18.33 4.69 -45.37
N SER B 67 19.53 4.51 -45.90
CA SER B 67 19.83 4.44 -47.35
C SER B 67 20.97 3.42 -47.58
N LYS B 68 21.25 3.18 -48.84
CA LYS B 68 22.28 2.23 -49.29
C LYS B 68 22.77 2.72 -50.64
N SER B 69 24.07 2.63 -50.87
CA SER B 69 24.74 2.97 -52.15
C SER B 69 25.89 1.99 -52.32
N GLY B 70 25.78 1.07 -53.29
CA GLY B 70 26.76 -0.01 -53.49
C GLY B 70 26.83 -0.96 -52.30
N ASN B 71 28.01 -1.12 -51.71
CA ASN B 71 28.23 -2.04 -50.57
C ASN B 71 28.15 -1.27 -49.24
N THR B 72 27.84 0.02 -49.25
CA THR B 72 27.75 0.85 -48.02
C THR B 72 26.31 1.28 -47.73
N ALA B 73 25.85 0.99 -46.53
CA ALA B 73 24.51 1.42 -46.03
C ALA B 73 24.75 2.53 -45.01
N SER B 74 23.89 3.53 -44.95
CA SER B 74 24.03 4.65 -43.98
C SER B 74 22.75 4.79 -43.14
N LEU B 75 22.93 5.18 -41.88
CA LEU B 75 21.80 5.61 -41.00
C LEU B 75 22.04 7.08 -40.69
N THR B 76 21.02 7.91 -40.85
CA THR B 76 21.06 9.32 -40.41
C THR B 76 20.08 9.50 -39.23
N VAL B 77 20.52 10.15 -38.16
CA VAL B 77 19.63 10.57 -37.04
C VAL B 77 19.65 12.10 -37.05
N SER B 78 18.53 12.72 -37.41
CA SER B 78 18.33 14.19 -37.36
C SER B 78 17.66 14.55 -36.02
N GLY B 79 17.68 15.82 -35.63
CA GLY B 79 17.00 16.28 -34.40
C GLY B 79 17.57 15.58 -33.18
N LEU B 80 18.90 15.43 -33.09
CA LEU B 80 19.53 14.58 -32.06
C LEU B 80 19.03 15.01 -30.68
N GLN B 81 18.65 14.02 -29.87
CA GLN B 81 18.23 14.18 -28.45
C GLN B 81 19.07 13.25 -27.58
N ALA B 82 19.06 13.48 -26.26
CA ALA B 82 19.86 12.74 -25.26
C ALA B 82 19.55 11.24 -25.34
N GLU B 83 18.30 10.88 -25.61
CA GLU B 83 17.85 9.46 -25.71
C GLU B 83 18.56 8.75 -26.88
N ASP B 84 19.07 9.49 -27.87
CA ASP B 84 19.72 8.92 -29.09
C ASP B 84 21.15 8.46 -28.77
N ASP B 85 21.72 8.83 -27.62
CA ASP B 85 23.08 8.42 -27.15
C ASP B 85 23.03 6.94 -26.79
N ALA B 86 23.66 6.11 -27.60
CA ALA B 86 23.52 4.64 -27.60
C ALA B 86 24.53 4.03 -28.58
N ASP B 87 24.60 2.70 -28.60
CA ASP B 87 25.30 1.90 -29.63
C ASP B 87 24.34 1.62 -30.79
N TYR B 88 24.80 1.80 -32.02
CA TYR B 88 24.05 1.48 -33.27
C TYR B 88 24.80 0.40 -34.04
N TYR B 89 24.09 -0.68 -34.35
CA TYR B 89 24.59 -1.86 -35.09
C TYR B 89 23.89 -1.97 -36.44
N CYS B 90 24.61 -2.36 -37.50
CA CYS B 90 23.97 -2.76 -38.77
C CYS B 90 24.04 -4.28 -38.90
N SER B 91 23.11 -4.86 -39.65
CA SER B 91 23.11 -6.26 -40.09
C SER B 91 22.77 -6.32 -41.58
N SER B 92 23.15 -7.41 -42.24
CA SER B 92 22.72 -7.76 -43.61
C SER B 92 22.26 -9.21 -43.60
N TYR B 93 21.14 -9.52 -44.23
CA TYR B 93 20.54 -10.87 -44.15
C TYR B 93 20.41 -11.52 -45.52
N GLY B 94 21.00 -12.70 -45.71
CA GLY B 94 21.11 -13.42 -46.99
C GLY B 94 20.55 -14.85 -46.95
N GLY B 95 19.68 -15.15 -45.99
CA GLY B 95 18.85 -16.37 -45.98
C GLY B 95 19.24 -17.59 -45.16
N ASP B 96 20.54 -17.82 -44.99
CA ASP B 96 20.97 -19.06 -44.30
C ASP B 96 21.60 -18.66 -42.95
N ASN B 97 22.84 -19.07 -42.73
CA ASN B 97 23.74 -18.56 -41.68
C ASN B 97 24.15 -17.13 -42.05
N ASN B 98 23.63 -16.66 -43.19
CA ASN B 98 24.07 -15.42 -43.90
C ASN B 98 23.41 -14.19 -43.26
N LEU B 99 23.47 -14.11 -41.93
CA LEU B 99 23.21 -12.88 -41.15
C LEU B 99 24.56 -12.35 -40.71
N PHE B 100 24.91 -11.13 -41.11
CA PHE B 100 26.23 -10.55 -40.77
C PHE B 100 25.96 -9.28 -39.98
N PHE B 101 26.82 -8.99 -39.02
CA PHE B 101 26.72 -7.80 -38.16
C PHE B 101 27.93 -6.91 -38.38
N GLY B 102 27.71 -5.60 -38.23
CA GLY B 102 28.78 -4.60 -38.01
C GLY B 102 29.28 -4.64 -36.58
N GLY B 103 30.44 -4.05 -36.31
CA GLY B 103 31.02 -4.03 -34.97
C GLY B 103 30.36 -3.00 -34.06
N GLY B 104 29.48 -2.13 -34.58
CA GLY B 104 28.78 -1.11 -33.77
C GLY B 104 29.49 0.23 -33.76
N THR B 105 28.71 1.31 -33.75
CA THR B 105 29.12 2.72 -33.60
C THR B 105 28.56 3.28 -32.29
N LYS B 106 29.41 3.83 -31.43
CA LYS B 106 28.96 4.50 -30.19
C LYS B 106 28.65 5.94 -30.57
N VAL B 107 27.37 6.33 -30.51
CA VAL B 107 26.91 7.69 -30.91
C VAL B 107 26.79 8.50 -29.63
N THR B 108 27.59 9.55 -29.50
CA THR B 108 27.54 10.49 -28.37
C THR B 108 26.76 11.72 -28.79
N VAL B 109 25.82 12.15 -27.95
CA VAL B 109 25.16 13.47 -28.11
C VAL B 109 25.94 14.42 -27.22
N LEU B 110 26.53 15.42 -27.86
CA LEU B 110 27.47 16.37 -27.23
C LEU B 110 26.70 17.38 -26.39
N GLY B 111 27.38 17.94 -25.38
CA GLY B 111 26.94 19.15 -24.68
C GLY B 111 25.74 18.94 -23.79
N GLN B 112 25.57 17.74 -23.21
CA GLN B 112 24.50 17.49 -22.22
C GLN B 112 24.78 18.39 -21.02
N PRO B 113 23.81 19.18 -20.53
CA PRO B 113 24.13 20.20 -19.54
C PRO B 113 24.35 19.57 -18.15
N LYS B 114 25.28 20.12 -17.37
CA LYS B 114 25.48 19.87 -15.93
C LYS B 114 24.10 19.92 -15.24
N ALA B 115 23.80 18.94 -14.37
CA ALA B 115 22.56 18.91 -13.56
C ALA B 115 22.88 18.48 -12.12
N ALA B 116 22.40 19.23 -11.12
CA ALA B 116 22.61 18.92 -9.69
C ALA B 116 21.72 17.77 -9.27
N PRO B 117 22.16 16.94 -8.31
CA PRO B 117 21.35 15.80 -7.87
C PRO B 117 20.14 16.20 -7.02
N SER B 118 19.01 15.51 -7.17
CA SER B 118 17.98 15.32 -6.12
C SER B 118 18.58 14.39 -5.07
N VAL B 119 18.46 14.76 -3.80
CA VAL B 119 19.00 13.92 -2.69
C VAL B 119 17.84 13.71 -1.71
N THR B 120 17.49 12.44 -1.49
CA THR B 120 16.42 12.03 -0.56
C THR B 120 16.96 10.98 0.40
N LEU B 121 16.82 11.23 1.69
CA LEU B 121 17.41 10.40 2.73
C LEU B 121 16.27 9.72 3.47
N PHE B 122 16.32 8.39 3.56
CA PHE B 122 15.23 7.58 4.14
C PHE B 122 15.71 7.04 5.47
N PRO B 123 14.94 7.20 6.56
CA PRO B 123 15.24 6.55 7.81
C PRO B 123 14.86 5.07 7.69
N PRO B 124 15.14 4.24 8.70
CA PRO B 124 14.87 2.82 8.61
C PRO B 124 13.37 2.49 8.55
N SER B 125 12.97 1.59 7.65
CA SER B 125 11.56 1.13 7.54
C SER B 125 11.16 0.38 8.82
N SER B 126 9.88 0.40 9.17
CA SER B 126 9.28 -0.36 10.28
C SER B 126 9.67 -1.85 10.21
N GLU B 127 9.59 -2.42 9.00
CA GLU B 127 9.78 -3.88 8.78
C GLU B 127 11.23 -4.28 9.08
N GLU B 128 12.21 -3.52 8.61
CA GLU B 128 13.63 -3.88 8.88
C GLU B 128 13.93 -3.67 10.38
N LEU B 129 13.29 -2.70 11.07
CA LEU B 129 13.54 -2.48 12.52
C LEU B 129 13.05 -3.71 13.31
N GLN B 130 11.93 -4.32 12.91
CA GLN B 130 11.39 -5.55 13.58
C GLN B 130 12.28 -6.76 13.25
N ALA B 131 13.01 -6.70 12.14
CA ALA B 131 14.01 -7.70 11.71
C ALA B 131 15.41 -7.34 12.23
N ASN B 132 15.52 -6.55 13.31
CA ASN B 132 16.80 -6.14 13.95
C ASN B 132 17.76 -5.47 12.94
N LYS B 133 17.26 -4.76 11.91
CA LYS B 133 18.13 -3.99 10.97
C LYS B 133 17.74 -2.51 10.94
N ALA B 134 18.71 -1.62 10.74
CA ALA B 134 18.42 -0.16 10.68
C ALA B 134 19.23 0.51 9.57
N THR B 135 19.21 -0.07 8.37
CA THR B 135 19.89 0.54 7.20
C THR B 135 19.17 1.83 6.78
N LEU B 136 19.94 2.88 6.55
CA LEU B 136 19.51 4.16 5.96
C LEU B 136 19.85 4.13 4.47
N VAL B 137 19.07 4.79 3.62
CA VAL B 137 19.42 4.95 2.18
C VAL B 137 19.29 6.42 1.80
N CYS B 138 20.26 6.86 1.05
CA CYS B 138 20.38 8.19 0.47
C CYS B 138 20.30 7.99 -1.04
N LEU B 139 19.12 8.29 -1.60
CA LEU B 139 18.86 8.27 -3.06
C LEU B 139 19.36 9.58 -3.70
N ILE B 140 20.25 9.45 -4.68
CA ILE B 140 20.92 10.55 -5.44
C ILE B 140 20.51 10.30 -6.89
N SER B 141 19.70 11.16 -7.49
CA SER B 141 19.16 10.98 -8.86
C SER B 141 19.30 12.27 -9.67
N ASP B 142 19.18 12.18 -11.00
CA ASP B 142 19.01 13.32 -11.93
C ASP B 142 20.25 14.20 -11.96
N PHE B 143 21.44 13.63 -11.81
CA PHE B 143 22.68 14.43 -11.84
C PHE B 143 23.47 14.12 -13.10
N TYR B 144 24.28 15.08 -13.50
CA TYR B 144 25.16 15.02 -14.67
C TYR B 144 26.27 16.02 -14.48
N PRO B 145 27.56 15.70 -14.75
CA PRO B 145 28.00 14.34 -15.10
C PRO B 145 27.97 13.32 -13.93
N GLY B 146 28.40 12.08 -14.20
CA GLY B 146 28.07 10.89 -13.40
C GLY B 146 29.07 10.59 -12.29
N ALA B 147 29.65 11.61 -11.66
CA ALA B 147 30.61 11.51 -10.53
C ALA B 147 30.09 12.32 -9.32
N VAL B 148 29.91 11.64 -8.19
CA VAL B 148 29.50 12.23 -6.89
C VAL B 148 30.41 11.66 -5.82
N THR B 149 30.62 12.40 -4.72
CA THR B 149 31.22 11.82 -3.50
C THR B 149 30.21 11.99 -2.37
N VAL B 150 30.16 10.99 -1.51
CA VAL B 150 29.16 10.96 -0.40
C VAL B 150 29.92 10.88 0.91
N ALA B 151 29.46 11.61 1.93
CA ALA B 151 29.93 11.47 3.33
C ALA B 151 28.71 11.39 4.26
N TRP B 152 28.79 10.58 5.30
CA TRP B 152 27.70 10.43 6.30
C TRP B 152 28.15 11.01 7.63
N LYS B 153 27.18 11.44 8.42
CA LYS B 153 27.38 11.90 9.82
C LYS B 153 26.38 11.21 10.75
N ALA B 154 26.84 10.86 11.94
CA ALA B 154 26.08 10.44 13.13
C ALA B 154 26.11 11.62 14.09
N ASP B 155 24.95 12.24 14.34
CA ASP B 155 24.92 13.58 15.01
C ASP B 155 25.79 14.52 14.17
N SER B 156 26.80 15.17 14.74
CA SER B 156 27.74 16.05 14.00
C SER B 156 29.02 15.29 13.61
N SER B 157 29.18 14.01 13.93
CA SER B 157 30.48 13.27 13.80
C SER B 157 30.56 12.52 12.47
N PRO B 158 31.74 12.52 11.78
CA PRO B 158 31.88 11.78 10.53
C PRO B 158 31.70 10.27 10.80
N VAL B 159 31.00 9.58 9.91
CA VAL B 159 30.89 8.11 9.90
C VAL B 159 31.97 7.58 8.96
N LYS B 160 32.79 6.63 9.42
CA LYS B 160 33.96 6.15 8.62
C LYS B 160 33.78 4.68 8.27
N ALA B 161 32.79 3.98 8.85
CA ALA B 161 32.55 2.53 8.63
C ALA B 161 31.09 2.28 8.25
N GLY B 162 30.87 1.26 7.43
CA GLY B 162 29.56 0.68 7.12
C GLY B 162 28.87 1.42 5.98
N VAL B 163 29.59 2.28 5.27
CA VAL B 163 29.05 3.09 4.14
C VAL B 163 29.36 2.39 2.82
N GLU B 164 28.37 2.30 1.94
CA GLU B 164 28.55 1.79 0.56
C GLU B 164 27.86 2.79 -0.36
N THR B 165 28.42 3.09 -1.52
CA THR B 165 27.75 3.91 -2.56
C THR B 165 27.84 3.19 -3.90
N THR B 166 26.71 2.93 -4.57
CA THR B 166 26.70 2.29 -5.90
C THR B 166 27.38 3.20 -6.90
N THR B 167 27.92 2.59 -7.94
CA THR B 167 28.52 3.27 -9.11
C THR B 167 27.36 3.93 -9.85
N PRO B 168 27.41 5.26 -10.08
CA PRO B 168 26.31 5.97 -10.76
C PRO B 168 25.90 5.30 -12.08
N SER B 169 24.62 5.08 -12.33
CA SER B 169 24.16 4.50 -13.63
C SER B 169 23.17 5.43 -14.31
N LYS B 170 23.12 5.40 -15.65
CA LYS B 170 22.27 6.30 -16.48
C LYS B 170 20.86 5.73 -16.54
N GLN B 171 19.84 6.52 -16.15
CA GLN B 171 18.44 6.05 -16.10
C GLN B 171 17.68 6.55 -17.35
N SER B 172 16.37 6.27 -17.45
CA SER B 172 15.57 6.54 -18.69
C SER B 172 15.34 8.04 -18.90
N ASN B 173 15.64 8.90 -17.92
CA ASN B 173 15.66 10.38 -18.10
C ASN B 173 17.03 10.86 -18.57
N ASN B 174 17.93 9.95 -18.96
CA ASN B 174 19.29 10.28 -19.49
C ASN B 174 20.20 10.90 -18.39
N LYS B 175 19.81 10.80 -17.11
CA LYS B 175 20.66 11.34 -16.01
C LYS B 175 21.04 10.21 -15.04
N TYR B 176 22.08 10.44 -14.25
CA TYR B 176 22.70 9.43 -13.36
C TYR B 176 21.90 9.32 -12.06
N ALA B 177 21.78 8.09 -11.58
CA ALA B 177 21.28 7.76 -10.24
C ALA B 177 22.33 6.91 -9.50
N ALA B 178 22.37 7.05 -8.18
CA ALA B 178 23.14 6.18 -7.27
C ALA B 178 22.42 6.15 -5.93
N SER B 179 22.82 5.20 -5.09
CA SER B 179 22.31 5.05 -3.72
C SER B 179 23.52 4.90 -2.82
N SER B 180 23.52 5.57 -1.70
CA SER B 180 24.50 5.38 -0.61
C SER B 180 23.71 4.83 0.56
N TYR B 181 24.13 3.73 1.15
CA TYR B 181 23.41 3.11 2.27
C TYR B 181 24.40 2.92 3.39
N LEU B 182 23.89 3.11 4.60
CA LEU B 182 24.66 3.01 5.86
C LEU B 182 23.96 1.92 6.66
N SER B 183 24.65 0.82 6.93
CA SER B 183 24.09 -0.38 7.62
C SER B 183 24.29 -0.25 9.13
N LEU B 184 23.37 0.42 9.81
CA LEU B 184 23.40 0.58 11.28
C LEU B 184 22.65 -0.57 11.94
N THR B 185 22.99 -0.83 13.19
CA THR B 185 22.13 -1.64 14.10
C THR B 185 21.01 -0.76 14.63
N PRO B 186 19.86 -1.36 15.03
CA PRO B 186 18.84 -0.64 15.78
C PRO B 186 19.40 0.22 16.90
N GLU B 187 20.44 -0.25 17.60
CA GLU B 187 21.04 0.41 18.80
C GLU B 187 21.82 1.64 18.33
N GLN B 188 22.51 1.54 17.19
CA GLN B 188 23.22 2.72 16.64
C GLN B 188 22.17 3.77 16.22
N TRP B 189 21.14 3.37 15.48
CA TRP B 189 20.08 4.30 15.02
C TRP B 189 19.43 4.98 16.23
N LYS B 190 18.99 4.20 17.22
CA LYS B 190 18.18 4.73 18.35
C LYS B 190 19.03 5.57 19.31
N SER B 191 20.34 5.39 19.38
CA SER B 191 21.20 6.06 20.39
C SER B 191 21.74 7.41 19.89
N HIS B 192 21.51 7.77 18.62
CA HIS B 192 21.99 9.06 18.07
C HIS B 192 20.77 9.96 17.84
N ARG B 193 20.99 11.26 17.74
CA ARG B 193 19.91 12.24 17.56
C ARG B 193 19.54 12.30 16.09
N SER B 194 20.50 12.09 15.21
CA SER B 194 20.23 12.18 13.76
C SER B 194 21.35 11.47 13.03
N TYR B 195 21.10 11.18 11.75
CA TYR B 195 22.10 10.77 10.76
C TYR B 195 21.92 11.69 9.57
N SER B 196 23.02 11.98 8.87
CA SER B 196 23.07 12.95 7.76
C SER B 196 23.84 12.31 6.61
N CYS B 197 23.41 12.60 5.40
CA CYS B 197 24.08 12.21 4.13
C CYS B 197 24.46 13.50 3.42
N GLN B 198 25.72 13.66 3.07
CA GLN B 198 26.30 14.86 2.42
C GLN B 198 26.77 14.45 1.02
N VAL B 199 26.16 15.00 -0.02
CA VAL B 199 26.44 14.64 -1.43
C VAL B 199 27.17 15.82 -2.08
N THR B 200 28.35 15.56 -2.60
CA THR B 200 29.17 16.56 -3.31
C THR B 200 29.15 16.22 -4.80
N HIS B 201 28.77 17.20 -5.63
CA HIS B 201 28.70 17.09 -7.11
C HIS B 201 29.26 18.39 -7.71
N GLU B 202 30.35 18.28 -8.48
CA GLU B 202 30.97 19.44 -9.17
C GLU B 202 31.29 20.53 -8.14
N GLY B 203 31.89 20.14 -7.01
CA GLY B 203 32.37 21.05 -5.96
C GLY B 203 31.25 21.73 -5.19
N SER B 204 29.97 21.40 -5.44
CA SER B 204 28.80 21.90 -4.67
C SER B 204 28.30 20.80 -3.73
N THR B 205 27.87 21.17 -2.53
CA THR B 205 27.49 20.21 -1.46
C THR B 205 26.04 20.44 -1.02
N VAL B 206 25.31 19.34 -0.84
CA VAL B 206 23.90 19.23 -0.38
C VAL B 206 23.89 18.23 0.78
N GLU B 207 23.20 18.56 1.88
CA GLU B 207 23.14 17.69 3.07
C GLU B 207 21.68 17.50 3.46
N LYS B 208 21.30 16.25 3.70
CA LYS B 208 19.98 15.84 4.27
C LYS B 208 20.23 15.19 5.63
N THR B 209 19.28 15.40 6.56
CA THR B 209 19.26 14.86 7.93
C THR B 209 17.90 14.19 8.24
N VAL B 210 17.94 12.98 8.81
CA VAL B 210 16.75 12.27 9.38
C VAL B 210 17.06 11.92 10.83
N ALA B 211 16.02 11.75 11.63
CA ALA B 211 16.06 11.58 13.10
C ALA B 211 15.13 10.43 13.44
N PRO B 212 15.38 9.60 14.49
CA PRO B 212 14.41 8.58 14.91
C PRO B 212 13.01 9.18 15.14
N THR B 213 11.95 8.47 14.72
CA THR B 213 10.57 9.01 14.58
C THR B 213 9.90 9.10 15.97
N GLU B 214 8.98 10.05 16.11
CA GLU B 214 8.26 10.33 17.37
C GLU B 214 6.87 9.70 17.25
N GLN C 1 -13.86 13.67 22.18
CA GLN C 1 -12.75 12.67 22.37
C GLN C 1 -12.63 12.29 23.85
N SER C 2 -12.23 11.04 24.11
CA SER C 2 -12.13 10.40 25.45
C SER C 2 -10.97 11.02 26.24
N ALA C 3 -11.11 11.13 27.57
CA ALA C 3 -10.13 11.74 28.49
C ALA C 3 -8.75 11.07 28.34
N LEU C 4 -8.66 9.73 28.35
CA LEU C 4 -7.38 9.03 28.04
C LEU C 4 -7.42 8.54 26.57
N THR C 5 -6.26 8.51 25.92
CA THR C 5 -6.09 8.16 24.48
C THR C 5 -5.54 6.73 24.34
N GLN C 6 -6.32 5.85 23.70
CA GLN C 6 -5.92 4.45 23.36
C GLN C 6 -5.93 4.31 21.84
N PRO C 7 -5.13 3.44 21.21
CA PRO C 7 -5.31 3.19 19.78
C PRO C 7 -6.65 2.48 19.61
N PRO C 8 -7.42 2.73 18.54
CA PRO C 8 -8.73 2.10 18.42
C PRO C 8 -8.68 0.58 18.15
N SER C 9 -7.59 0.08 17.58
CA SER C 9 -7.45 -1.36 17.32
C SER C 9 -6.02 -1.86 17.49
N ALA C 10 -5.91 -3.17 17.65
CA ALA C 10 -4.66 -3.94 17.59
C ALA C 10 -5.02 -5.36 17.20
N SER C 11 -4.07 -6.14 16.70
CA SER C 11 -4.36 -7.54 16.33
C SER C 11 -3.13 -8.44 16.45
N GLY C 12 -3.36 -9.74 16.52
CA GLY C 12 -2.29 -10.73 16.44
C GLY C 12 -2.87 -12.08 16.15
N SER C 13 -2.06 -12.99 15.61
CA SER C 13 -2.47 -14.40 15.43
C SER C 13 -2.28 -15.10 16.76
N PRO C 14 -2.91 -16.28 16.97
CA PRO C 14 -2.75 -17.04 18.21
C PRO C 14 -1.27 -17.29 18.55
N GLY C 15 -0.91 -17.14 19.82
CA GLY C 15 0.49 -17.27 20.31
C GLY C 15 1.32 -16.00 20.18
N GLN C 16 0.88 -14.97 19.46
CA GLN C 16 1.63 -13.70 19.31
C GLN C 16 1.33 -12.81 20.53
N SER C 17 2.03 -11.69 20.66
CA SER C 17 1.79 -10.68 21.71
C SER C 17 1.28 -9.42 21.04
N VAL C 18 0.53 -8.63 21.79
CA VAL C 18 0.11 -7.25 21.37
C VAL C 18 0.37 -6.33 22.56
N THR C 19 0.79 -5.11 22.30
CA THR C 19 0.99 -4.13 23.39
C THR C 19 0.04 -3.00 23.08
N ILE C 20 -0.77 -2.57 24.03
CA ILE C 20 -1.68 -1.40 23.78
C ILE C 20 -1.40 -0.31 24.80
N SER C 21 -1.44 0.93 24.33
CA SER C 21 -1.02 2.15 25.07
C SER C 21 -2.27 2.89 25.55
N CYS C 22 -2.13 3.58 26.69
CA CYS C 22 -3.14 4.41 27.37
C CYS C 22 -2.45 5.72 27.76
N THR C 23 -2.67 6.82 27.03
CA THR C 23 -1.92 8.09 27.18
C THR C 23 -2.84 9.11 27.86
N GLY C 24 -2.37 9.65 28.99
CA GLY C 24 -3.06 10.69 29.76
C GLY C 24 -2.22 11.95 29.84
N THR C 25 -2.26 12.64 30.97
CA THR C 25 -1.47 13.87 31.25
C THR C 25 -0.76 13.71 32.59
N SER C 26 -0.09 14.79 33.03
CA SER C 26 0.65 14.92 34.31
C SER C 26 -0.28 14.68 35.50
N SER C 27 -1.56 15.03 35.37
CA SER C 27 -2.54 15.07 36.50
C SER C 27 -3.53 13.89 36.47
N ASP C 28 -3.27 12.84 35.68
CA ASP C 28 -4.07 11.59 35.74
C ASP C 28 -3.13 10.38 35.64
N VAL C 29 -2.87 9.89 34.44
CA VAL C 29 -1.96 8.72 34.22
C VAL C 29 -0.57 9.05 34.80
N GLY C 30 -0.05 10.26 34.54
CA GLY C 30 1.26 10.70 35.04
C GLY C 30 1.27 10.87 36.55
N GLY C 31 0.14 11.29 37.12
CA GLY C 31 -0.03 11.62 38.55
C GLY C 31 0.27 10.47 39.50
N SER C 32 -0.67 9.54 39.66
CA SER C 32 -0.56 8.41 40.61
C SER C 32 -0.52 7.05 39.90
N ASP C 33 -0.37 5.98 40.66
CA ASP C 33 -0.36 4.59 40.13
C ASP C 33 -1.78 4.02 40.30
N SER C 34 -2.79 4.74 39.85
CA SER C 34 -4.19 4.30 39.94
C SER C 34 -4.71 4.02 38.52
N VAL C 35 -3.88 3.39 37.68
CA VAL C 35 -4.22 3.00 36.28
C VAL C 35 -4.74 1.56 36.26
N SER C 36 -5.88 1.33 35.60
CA SER C 36 -6.54 0.02 35.54
C SER C 36 -6.81 -0.31 34.08
N TRP C 37 -6.87 -1.61 33.80
CA TRP C 37 -7.25 -2.13 32.47
C TRP C 37 -8.42 -3.08 32.68
N TYR C 38 -9.38 -3.05 31.77
CA TYR C 38 -10.58 -3.92 31.78
C TYR C 38 -10.68 -4.59 30.40
N GLN C 39 -11.16 -5.82 30.42
CA GLN C 39 -11.44 -6.63 29.24
C GLN C 39 -12.96 -6.74 29.18
N GLN C 40 -13.57 -6.40 28.05
CA GLN C 40 -15.03 -6.55 27.90
C GLN C 40 -15.33 -7.26 26.58
N HIS C 41 -15.98 -8.42 26.67
CA HIS C 41 -16.62 -9.14 25.53
C HIS C 41 -17.86 -8.34 25.18
N PRO C 42 -18.07 -7.96 23.91
CA PRO C 42 -19.25 -7.17 23.54
C PRO C 42 -20.52 -7.88 24.02
N GLY C 43 -21.36 -7.17 24.77
CA GLY C 43 -22.61 -7.69 25.36
C GLY C 43 -22.44 -8.19 26.79
N LYS C 44 -21.21 -8.23 27.31
CA LYS C 44 -20.95 -8.79 28.65
C LYS C 44 -20.37 -7.70 29.56
N ALA C 45 -20.53 -7.89 30.88
CA ALA C 45 -19.94 -7.07 31.94
C ALA C 45 -18.43 -7.08 31.78
N PRO C 46 -17.77 -5.95 32.09
CA PRO C 46 -16.31 -5.87 32.02
C PRO C 46 -15.71 -6.71 33.15
N LYS C 47 -14.44 -7.05 32.98
CA LYS C 47 -13.59 -7.77 33.95
C LYS C 47 -12.34 -6.92 34.20
N LEU C 48 -12.00 -6.67 35.46
CA LEU C 48 -10.74 -5.99 35.82
C LEU C 48 -9.61 -6.96 35.55
N ILE C 49 -8.63 -6.59 34.72
CA ILE C 49 -7.48 -7.49 34.46
C ILE C 49 -6.21 -6.92 35.11
N ILE C 50 -6.07 -5.60 35.23
CA ILE C 50 -4.88 -4.93 35.84
C ILE C 50 -5.38 -3.77 36.71
N TYR C 51 -4.88 -3.64 37.95
CA TYR C 51 -5.06 -2.41 38.77
C TYR C 51 -3.70 -1.90 39.28
N GLU C 52 -3.67 -0.65 39.72
CA GLU C 52 -2.44 -0.01 40.24
C GLU C 52 -1.29 -0.31 39.27
N VAL C 53 -1.50 -0.03 37.98
CA VAL C 53 -0.52 -0.08 36.85
C VAL C 53 -0.17 -1.53 36.46
N SER C 54 0.10 -2.41 37.41
CA SER C 54 0.80 -3.68 37.18
C SER C 54 0.18 -4.91 37.84
N GLN C 55 -0.74 -4.77 38.80
CA GLN C 55 -1.26 -5.86 39.65
C GLN C 55 -2.40 -6.59 38.95
N ARG C 56 -2.34 -7.93 38.94
N ARG C 56 -2.32 -7.93 38.93
CA ARG C 56 -3.38 -8.80 38.36
CA ARG C 56 -3.36 -8.82 38.37
C ARG C 56 -4.30 -9.30 39.47
C ARG C 56 -4.30 -9.28 39.49
N PRO C 57 -5.64 -9.17 39.32
CA PRO C 57 -6.57 -9.81 40.25
C PRO C 57 -6.40 -11.33 40.17
N SER C 58 -6.82 -12.04 41.21
CA SER C 58 -6.73 -13.50 41.28
C SER C 58 -7.47 -14.08 40.06
N GLY C 59 -6.93 -15.13 39.46
CA GLY C 59 -7.57 -15.77 38.30
C GLY C 59 -7.26 -15.06 37.01
N VAL C 60 -6.46 -13.98 37.04
CA VAL C 60 -5.97 -13.34 35.79
C VAL C 60 -4.58 -13.89 35.51
N PRO C 61 -4.37 -14.60 34.38
CA PRO C 61 -3.07 -15.21 34.08
C PRO C 61 -1.97 -14.18 33.80
N ASN C 62 -0.72 -14.60 34.00
CA ASN C 62 0.47 -13.72 33.92
C ASN C 62 0.80 -13.40 32.45
N ARG C 63 0.03 -13.94 31.49
CA ARG C 63 0.04 -13.51 30.06
C ARG C 63 -0.21 -12.00 29.97
N PHE C 64 -1.00 -11.46 30.91
CA PHE C 64 -1.38 -10.03 30.97
C PHE C 64 -0.38 -9.32 31.89
N SER C 65 0.25 -8.24 31.43
CA SER C 65 1.13 -7.39 32.29
C SER C 65 0.89 -5.92 31.94
N GLY C 66 1.04 -5.07 32.96
CA GLY C 66 0.83 -3.62 32.86
C GLY C 66 2.09 -2.92 33.29
N SER C 67 2.41 -1.82 32.62
CA SER C 67 3.53 -0.93 33.01
C SER C 67 3.12 0.50 32.68
N LYS C 68 3.98 1.44 33.05
CA LYS C 68 3.73 2.88 32.84
C LYS C 68 5.07 3.61 32.79
N SER C 69 5.25 4.45 31.78
CA SER C 69 6.34 5.44 31.68
C SER C 69 5.68 6.81 31.50
N GLY C 70 5.91 7.73 32.43
CA GLY C 70 5.41 9.11 32.30
C GLY C 70 3.90 9.13 32.22
N ASN C 71 3.36 9.66 31.12
CA ASN C 71 1.91 9.91 30.92
C ASN C 71 1.24 8.74 30.18
N THR C 72 1.98 7.65 29.94
CA THR C 72 1.58 6.53 29.05
C THR C 72 1.70 5.22 29.81
N ALA C 73 0.55 4.59 30.11
CA ALA C 73 0.41 3.21 30.60
C ALA C 73 0.35 2.25 29.40
N SER C 74 0.84 1.03 29.56
CA SER C 74 0.82 -0.01 28.50
C SER C 74 0.32 -1.31 29.10
N LEU C 75 -0.45 -2.05 28.31
CA LEU C 75 -0.86 -3.43 28.60
C LEU C 75 -0.31 -4.34 27.50
N THR C 76 0.30 -5.44 27.88
CA THR C 76 0.84 -6.43 26.96
C THR C 76 0.07 -7.69 27.23
N VAL C 77 -0.42 -8.31 26.16
CA VAL C 77 -1.04 -9.66 26.23
C VAL C 77 -0.08 -10.56 25.47
N SER C 78 0.46 -11.56 26.15
N SER C 78 0.48 -11.54 26.16
CA SER C 78 1.37 -12.56 25.53
CA SER C 78 1.39 -12.56 25.55
C SER C 78 0.61 -13.84 25.25
C SER C 78 0.55 -13.79 25.18
N GLY C 79 1.06 -14.60 24.25
CA GLY C 79 0.47 -15.91 23.91
C GLY C 79 -1.01 -15.75 23.72
N LEU C 80 -1.43 -14.84 22.84
CA LEU C 80 -2.86 -14.55 22.51
C LEU C 80 -3.61 -15.86 22.27
N GLN C 81 -4.73 -16.03 22.96
CA GLN C 81 -5.71 -17.13 22.77
C GLN C 81 -7.03 -16.56 22.21
N ALA C 82 -7.90 -17.41 21.67
CA ALA C 82 -9.18 -16.96 21.07
C ALA C 82 -9.92 -16.07 22.08
N GLU C 83 -9.97 -16.49 23.35
CA GLU C 83 -10.75 -15.84 24.42
C GLU C 83 -10.23 -14.42 24.70
N ASP C 84 -9.06 -14.02 24.17
CA ASP C 84 -8.47 -12.68 24.44
C ASP C 84 -9.07 -11.64 23.50
N ASP C 85 -9.81 -12.08 22.49
CA ASP C 85 -10.46 -11.22 21.47
C ASP C 85 -11.62 -10.49 22.17
N ALA C 86 -11.51 -9.16 22.33
CA ALA C 86 -12.38 -8.33 23.17
C ALA C 86 -12.03 -6.85 22.96
N ASP C 87 -12.77 -5.98 23.64
CA ASP C 87 -12.43 -4.57 23.87
C ASP C 87 -11.69 -4.42 25.20
N TYR C 88 -10.63 -3.61 25.16
CA TYR C 88 -9.79 -3.28 26.33
C TYR C 88 -9.86 -1.77 26.57
N TYR C 89 -10.21 -1.43 27.80
CA TYR C 89 -10.28 -0.04 28.29
C TYR C 89 -9.25 0.16 29.38
N CYS C 90 -8.68 1.36 29.41
CA CYS C 90 -7.91 1.84 30.56
C CYS C 90 -8.74 2.86 31.33
N SER C 91 -8.41 3.02 32.61
CA SER C 91 -8.89 4.11 33.49
C SER C 91 -7.71 4.61 34.33
N SER C 92 -7.76 5.90 34.72
CA SER C 92 -6.92 6.51 35.78
C SER C 92 -7.86 7.12 36.82
N TYR C 93 -7.61 6.83 38.10
CA TYR C 93 -8.48 7.28 39.23
C TYR C 93 -7.71 8.34 40.02
N GLY C 94 -7.50 9.51 39.41
CA GLY C 94 -6.73 10.65 39.95
C GLY C 94 -6.81 11.88 39.08
N ASN C 98 -11.18 12.25 40.44
CA ASN C 98 -12.26 11.53 39.69
C ASN C 98 -11.63 10.62 38.61
N LEU C 99 -12.50 9.91 37.91
CA LEU C 99 -12.21 8.68 37.14
C LEU C 99 -12.28 9.03 35.65
N PHE C 100 -11.16 8.89 34.94
CA PHE C 100 -11.04 9.14 33.49
C PHE C 100 -10.89 7.79 32.79
N PHE C 101 -11.56 7.62 31.65
CA PHE C 101 -11.53 6.41 30.80
C PHE C 101 -10.85 6.72 29.47
N GLY C 102 -10.24 5.71 28.86
CA GLY C 102 -9.85 5.72 27.43
C GLY C 102 -11.03 5.36 26.55
N GLY C 103 -10.84 5.51 25.23
CA GLY C 103 -11.88 5.21 24.24
C GLY C 103 -11.98 3.72 23.95
N GLY C 104 -11.08 2.90 24.50
CA GLY C 104 -11.10 1.44 24.28
C GLY C 104 -10.29 1.04 23.06
N THR C 105 -9.68 -0.14 23.12
CA THR C 105 -8.97 -0.78 22.00
C THR C 105 -9.65 -2.10 21.66
N LYS C 106 -10.11 -2.23 20.42
CA LYS C 106 -10.65 -3.49 19.88
C LYS C 106 -9.45 -4.39 19.56
N VAL C 107 -9.22 -5.44 20.36
CA VAL C 107 -8.13 -6.42 20.09
C VAL C 107 -8.73 -7.63 19.39
N THR C 108 -8.25 -7.87 18.16
CA THR C 108 -8.66 -9.00 17.30
C THR C 108 -7.59 -10.07 17.34
N VAL C 109 -7.97 -11.29 17.71
CA VAL C 109 -7.15 -12.50 17.44
C VAL C 109 -7.49 -12.96 16.01
N LEU C 110 -6.56 -12.78 15.06
CA LEU C 110 -6.85 -12.94 13.60
C LEU C 110 -7.48 -14.31 13.36
N GLY C 111 -8.71 -14.30 12.85
CA GLY C 111 -9.49 -15.47 12.46
C GLY C 111 -9.37 -15.78 10.98
N GLN C 112 -8.81 -14.86 10.22
CA GLN C 112 -8.67 -14.91 8.75
C GLN C 112 -7.58 -13.92 8.37
N PRO C 113 -7.09 -13.90 7.11
CA PRO C 113 -6.09 -12.93 6.71
C PRO C 113 -6.53 -11.46 6.83
N LYS C 114 -5.56 -10.60 7.18
CA LYS C 114 -5.78 -9.13 7.16
C LYS C 114 -6.14 -8.76 5.75
N ALA C 115 -7.04 -7.80 5.62
CA ALA C 115 -7.43 -7.28 4.30
C ALA C 115 -7.65 -5.77 4.46
N ALA C 116 -6.96 -4.99 3.66
CA ALA C 116 -7.03 -3.50 3.65
C ALA C 116 -8.34 -3.07 2.97
N PRO C 117 -8.98 -2.00 3.45
CA PRO C 117 -10.26 -1.58 2.90
C PRO C 117 -10.18 -1.08 1.44
N SER C 118 -11.19 -1.44 0.66
N SER C 118 -11.20 -1.42 0.66
CA SER C 118 -11.57 -0.72 -0.59
CA SER C 118 -11.54 -0.70 -0.59
C SER C 118 -12.37 0.53 -0.17
C SER C 118 -12.39 0.52 -0.21
N VAL C 119 -11.89 1.72 -0.56
CA VAL C 119 -12.54 3.01 -0.21
C VAL C 119 -12.96 3.69 -1.51
N THR C 120 -14.22 4.13 -1.57
CA THR C 120 -14.80 4.86 -2.73
C THR C 120 -15.52 6.08 -2.19
N LEU C 121 -15.10 7.26 -2.62
CA LEU C 121 -15.64 8.55 -2.14
C LEU C 121 -16.57 9.06 -3.24
N PHE C 122 -17.79 9.41 -2.87
CA PHE C 122 -18.81 9.86 -3.85
C PHE C 122 -19.16 11.33 -3.60
N PRO C 123 -19.08 12.21 -4.62
CA PRO C 123 -19.54 13.58 -4.48
C PRO C 123 -21.06 13.64 -4.40
N PRO C 124 -21.66 14.81 -4.07
CA PRO C 124 -23.12 14.93 -3.95
C PRO C 124 -23.81 14.51 -5.23
N SER C 125 -24.92 13.77 -5.11
CA SER C 125 -25.77 13.41 -6.25
C SER C 125 -26.61 14.63 -6.65
N SER C 126 -26.99 14.68 -7.93
CA SER C 126 -27.72 15.80 -8.56
C SER C 126 -29.09 15.92 -7.87
N GLU C 127 -29.75 14.79 -7.61
CA GLU C 127 -31.07 14.77 -6.94
C GLU C 127 -30.96 15.39 -5.53
N GLU C 128 -30.00 15.00 -4.70
CA GLU C 128 -29.98 15.56 -3.32
C GLU C 128 -29.62 17.07 -3.37
N LEU C 129 -28.82 17.53 -4.33
CA LEU C 129 -28.47 18.97 -4.49
C LEU C 129 -29.74 19.78 -4.72
N GLN C 130 -30.73 19.22 -5.44
CA GLN C 130 -32.05 19.88 -5.69
C GLN C 130 -32.96 19.80 -4.45
N ALA C 131 -32.57 19.09 -3.40
CA ALA C 131 -33.25 19.08 -2.07
C ALA C 131 -32.41 19.82 -1.03
N ASN C 132 -31.45 20.64 -1.48
CA ASN C 132 -30.55 21.44 -0.60
C ASN C 132 -29.70 20.55 0.31
N LYS C 133 -29.27 19.37 -0.17
CA LYS C 133 -28.30 18.49 0.54
C LYS C 133 -27.08 18.22 -0.34
N ALA C 134 -25.88 18.36 0.24
CA ALA C 134 -24.59 18.04 -0.39
C ALA C 134 -23.90 16.91 0.41
N THR C 135 -24.64 15.90 0.86
CA THR C 135 -24.08 14.75 1.61
C THR C 135 -23.10 14.02 0.71
N LEU C 136 -21.89 13.77 1.24
CA LEU C 136 -20.81 12.95 0.65
C LEU C 136 -20.89 11.57 1.32
N VAL C 137 -20.52 10.51 0.61
N VAL C 137 -20.49 10.53 0.61
CA VAL C 137 -20.45 9.16 1.22
CA VAL C 137 -20.46 9.14 1.16
C VAL C 137 -19.12 8.52 0.83
C VAL C 137 -19.11 8.52 0.81
N CYS C 138 -18.45 8.00 1.84
CA CYS C 138 -17.20 7.24 1.75
C CYS C 138 -17.54 5.80 2.08
N LEU C 139 -17.58 4.97 1.06
CA LEU C 139 -17.93 3.53 1.15
C LEU C 139 -16.63 2.78 1.39
N ILE C 140 -16.65 1.88 2.37
CA ILE C 140 -15.46 1.15 2.89
C ILE C 140 -15.79 -0.34 2.91
N SER C 141 -15.19 -1.14 2.07
CA SER C 141 -15.56 -2.57 2.00
C SER C 141 -14.32 -3.47 2.04
N ASP C 142 -14.57 -4.77 2.13
CA ASP C 142 -13.60 -5.88 1.94
C ASP C 142 -12.46 -5.81 2.96
N PHE C 143 -12.71 -5.44 4.21
CA PHE C 143 -11.61 -5.26 5.20
C PHE C 143 -11.75 -6.26 6.35
N TYR C 144 -10.60 -6.53 6.97
CA TYR C 144 -10.45 -7.45 8.11
C TYR C 144 -9.15 -7.10 8.82
N PRO C 145 -9.11 -6.98 10.15
CA PRO C 145 -10.29 -7.03 11.03
C PRO C 145 -11.35 -5.93 10.82
N GLY C 146 -12.54 -6.11 11.42
CA GLY C 146 -13.71 -5.25 11.19
C GLY C 146 -13.65 -4.03 12.08
N ALA C 147 -12.57 -3.27 12.00
CA ALA C 147 -12.32 -2.07 12.82
C ALA C 147 -11.65 -1.04 11.93
N VAL C 148 -12.18 0.17 11.96
CA VAL C 148 -11.79 1.24 11.03
C VAL C 148 -12.12 2.56 11.74
N THR C 149 -11.27 3.57 11.56
CA THR C 149 -11.56 4.97 11.98
C THR C 149 -11.56 5.82 10.72
N VAL C 150 -12.36 6.87 10.71
CA VAL C 150 -12.54 7.71 9.50
C VAL C 150 -12.37 9.18 9.91
N ALA C 151 -11.59 9.91 9.14
CA ALA C 151 -11.34 11.35 9.30
C ALA C 151 -11.65 12.05 7.97
N TRP C 152 -12.40 13.14 8.02
CA TRP C 152 -12.75 13.97 6.84
C TRP C 152 -11.92 15.26 6.87
N LYS C 153 -11.57 15.78 5.69
CA LYS C 153 -10.91 17.09 5.48
C LYS C 153 -11.72 17.94 4.50
N ALA C 154 -11.97 19.20 4.85
CA ALA C 154 -12.40 20.26 3.93
C ALA C 154 -11.12 20.99 3.45
N ASP C 155 -10.79 20.85 2.16
CA ASP C 155 -9.48 21.26 1.59
C ASP C 155 -8.45 20.43 2.37
N SER C 156 -7.66 21.04 3.25
CA SER C 156 -6.67 20.37 4.12
C SER C 156 -7.01 20.41 5.61
N SER C 157 -8.13 21.02 6.01
CA SER C 157 -8.49 21.23 7.44
C SER C 157 -9.44 20.13 7.94
N PRO C 158 -9.16 19.55 9.14
CA PRO C 158 -10.07 18.57 9.73
C PRO C 158 -11.52 19.08 9.80
N VAL C 159 -12.49 18.19 9.59
CA VAL C 159 -13.93 18.52 9.86
C VAL C 159 -14.42 17.57 10.96
N LYS C 160 -14.96 18.12 12.06
CA LYS C 160 -15.61 17.36 13.19
C LYS C 160 -17.12 17.24 12.96
N ALA C 161 -17.79 18.37 12.77
CA ALA C 161 -19.27 18.47 12.62
C ALA C 161 -19.74 17.74 11.35
N GLY C 162 -20.83 16.97 11.49
CA GLY C 162 -21.63 16.43 10.38
C GLY C 162 -21.22 15.01 9.97
N VAL C 163 -20.38 14.34 10.77
CA VAL C 163 -19.80 13.04 10.37
C VAL C 163 -20.60 11.94 11.04
N GLU C 164 -21.00 10.94 10.28
CA GLU C 164 -21.56 9.69 10.84
C GLU C 164 -20.91 8.50 10.14
N THR C 165 -20.54 7.49 10.89
CA THR C 165 -19.85 6.30 10.36
C THR C 165 -20.58 5.11 10.96
N THR C 166 -21.00 4.17 10.12
CA THR C 166 -21.74 2.97 10.55
C THR C 166 -20.79 2.00 11.22
N THR C 167 -21.34 1.15 12.07
CA THR C 167 -20.64 -0.01 12.69
C THR C 167 -20.33 -1.04 11.60
N PRO C 168 -19.05 -1.44 11.45
CA PRO C 168 -18.70 -2.41 10.40
C PRO C 168 -19.54 -3.68 10.53
N SER C 169 -20.00 -4.24 9.41
CA SER C 169 -20.77 -5.51 9.37
C SER C 169 -20.13 -6.50 8.40
N LYS C 170 -20.20 -7.79 8.73
CA LYS C 170 -19.58 -8.83 7.86
C LYS C 170 -20.49 -9.04 6.65
N GLN C 171 -19.95 -8.97 5.44
CA GLN C 171 -20.77 -9.10 4.21
C GLN C 171 -20.65 -10.55 3.70
N SER C 172 -21.19 -10.84 2.53
CA SER C 172 -21.31 -12.23 2.01
C SER C 172 -19.92 -12.83 1.75
N ASN C 173 -18.88 -12.01 1.53
CA ASN C 173 -17.49 -12.48 1.26
C ASN C 173 -16.71 -12.72 2.57
N ASN C 174 -17.37 -12.64 3.73
CA ASN C 174 -16.78 -12.84 5.08
C ASN C 174 -15.81 -11.71 5.47
N LYS C 175 -15.90 -10.56 4.81
CA LYS C 175 -15.14 -9.36 5.21
C LYS C 175 -16.15 -8.25 5.51
N TYR C 176 -15.66 -7.19 6.10
CA TYR C 176 -16.50 -6.15 6.71
C TYR C 176 -16.70 -4.99 5.73
N ALA C 177 -17.81 -4.33 5.90
CA ALA C 177 -18.16 -3.13 5.13
C ALA C 177 -18.75 -2.11 6.09
N ALA C 178 -18.50 -0.85 5.76
CA ALA C 178 -19.16 0.29 6.44
C ALA C 178 -19.14 1.49 5.51
N SER C 179 -19.87 2.51 5.90
CA SER C 179 -20.00 3.80 5.17
CA SER C 179 -19.90 3.80 5.17
C SER C 179 -19.77 4.94 6.17
N SER C 180 -19.12 6.02 5.74
CA SER C 180 -19.07 7.28 6.51
C SER C 180 -19.76 8.31 5.65
N TYR C 181 -20.62 9.15 6.21
CA TYR C 181 -21.31 10.18 5.39
C TYR C 181 -21.17 11.52 6.09
N LEU C 182 -20.82 12.50 5.27
CA LEU C 182 -20.61 13.90 5.70
C LEU C 182 -21.75 14.76 5.14
N SER C 183 -22.61 15.24 6.03
CA SER C 183 -23.87 15.95 5.70
CA SER C 183 -23.87 15.96 5.70
C SER C 183 -23.60 17.46 5.47
N LEU C 184 -23.00 17.81 4.34
CA LEU C 184 -22.68 19.21 3.97
C LEU C 184 -23.92 19.92 3.44
N THR C 185 -24.00 21.25 3.58
CA THR C 185 -24.93 22.09 2.79
C THR C 185 -24.33 22.28 1.41
N PRO C 186 -25.13 22.54 0.36
CA PRO C 186 -24.58 22.86 -0.96
C PRO C 186 -23.57 24.02 -0.84
N GLU C 187 -23.86 24.96 0.08
CA GLU C 187 -23.02 26.15 0.37
C GLU C 187 -21.60 25.71 0.80
N GLN C 188 -21.52 24.87 1.84
CA GLN C 188 -20.24 24.30 2.35
C GLN C 188 -19.49 23.60 1.20
N TRP C 189 -20.19 22.75 0.46
CA TRP C 189 -19.62 21.91 -0.63
C TRP C 189 -18.93 22.78 -1.69
N LYS C 190 -19.55 23.90 -2.10
CA LYS C 190 -19.07 24.69 -3.27
C LYS C 190 -18.05 25.72 -2.78
N SER C 191 -18.00 25.97 -1.47
CA SER C 191 -17.06 26.91 -0.81
C SER C 191 -15.63 26.35 -0.66
N HIS C 192 -15.32 25.15 -1.20
CA HIS C 192 -14.03 24.47 -0.97
C HIS C 192 -13.49 23.92 -2.30
N ARG C 193 -12.18 23.87 -2.44
CA ARG C 193 -11.43 23.23 -3.55
C ARG C 193 -11.85 21.75 -3.61
N SER C 194 -11.79 21.07 -2.47
CA SER C 194 -12.11 19.63 -2.42
C SER C 194 -12.46 19.19 -1.00
N TYR C 195 -12.91 17.95 -0.92
CA TYR C 195 -13.14 17.24 0.36
C TYR C 195 -12.47 15.86 0.25
N SER C 196 -11.96 15.39 1.38
CA SER C 196 -11.20 14.11 1.51
C SER C 196 -11.79 13.27 2.64
N CYS C 197 -11.75 11.96 2.41
CA CYS C 197 -12.10 10.92 3.41
C CYS C 197 -10.84 10.11 3.63
N GLN C 198 -10.32 10.09 4.85
CA GLN C 198 -9.15 9.24 5.21
C GLN C 198 -9.64 8.08 6.09
N VAL C 199 -9.34 6.87 5.67
CA VAL C 199 -9.70 5.61 6.40
C VAL C 199 -8.44 4.97 6.98
N THR C 200 -8.42 4.81 8.31
CA THR C 200 -7.30 4.15 9.02
C THR C 200 -7.74 2.73 9.37
N HIS C 201 -6.91 1.75 9.01
CA HIS C 201 -7.12 0.31 9.31
C HIS C 201 -5.77 -0.34 9.63
N GLU C 202 -5.62 -0.96 10.79
CA GLU C 202 -4.43 -1.81 11.10
C GLU C 202 -3.18 -0.94 10.95
N GLY C 203 -3.22 0.27 11.53
CA GLY C 203 -2.11 1.25 11.55
C GLY C 203 -1.88 1.97 10.22
N SER C 204 -2.55 1.59 9.13
CA SER C 204 -2.30 2.16 7.78
C SER C 204 -3.53 2.94 7.29
N THR C 205 -3.33 3.79 6.29
N THR C 205 -3.32 3.88 6.36
CA THR C 205 -4.34 4.79 5.87
CA THR C 205 -4.35 4.84 5.88
C THR C 205 -4.52 4.78 4.35
C THR C 205 -4.54 4.74 4.35
N VAL C 206 -5.73 5.11 3.92
CA VAL C 206 -6.12 5.32 2.49
C VAL C 206 -6.93 6.62 2.49
N GLU C 207 -6.57 7.53 1.61
CA GLU C 207 -7.24 8.86 1.49
C GLU C 207 -7.76 9.01 0.07
N LYS C 208 -9.06 9.28 -0.07
CA LYS C 208 -9.69 9.64 -1.36
C LYS C 208 -10.18 11.08 -1.29
N THR C 209 -10.25 11.74 -2.44
CA THR C 209 -10.53 13.20 -2.55
C THR C 209 -11.52 13.42 -3.69
N VAL C 210 -12.49 14.32 -3.48
CA VAL C 210 -13.51 14.71 -4.50
C VAL C 210 -13.63 16.24 -4.51
N ALA C 211 -14.09 16.80 -5.63
CA ALA C 211 -14.11 18.27 -5.89
C ALA C 211 -15.36 18.65 -6.68
N PRO C 212 -15.98 19.82 -6.40
CA PRO C 212 -17.14 20.27 -7.17
C PRO C 212 -16.86 20.20 -8.67
N THR C 213 -17.87 19.81 -9.47
CA THR C 213 -17.87 20.03 -10.94
C THR C 213 -19.08 20.90 -11.28
N ALA D 3 -19.64 -11.30 41.38
CA ALA D 3 -20.58 -10.37 40.71
C ALA D 3 -21.53 -9.76 41.77
N LEU D 4 -21.90 -8.50 41.54
CA LEU D 4 -23.08 -7.84 42.11
C LEU D 4 -24.26 -8.26 41.23
N THR D 5 -25.48 -8.37 41.78
CA THR D 5 -26.65 -8.91 41.04
C THR D 5 -27.54 -7.77 40.53
N GLN D 6 -27.70 -7.68 39.22
CA GLN D 6 -28.59 -6.69 38.57
C GLN D 6 -29.65 -7.47 37.83
N PRO D 7 -30.90 -6.96 37.76
CA PRO D 7 -31.88 -7.51 36.82
C PRO D 7 -31.31 -7.45 35.41
N PRO D 8 -31.56 -8.45 34.54
CA PRO D 8 -31.01 -8.42 33.19
C PRO D 8 -31.64 -7.31 32.33
N SER D 9 -32.91 -7.00 32.56
CA SER D 9 -33.68 -6.10 31.68
C SER D 9 -34.60 -5.19 32.50
N ALA D 10 -34.92 -4.05 31.94
CA ALA D 10 -35.90 -3.05 32.42
C ALA D 10 -36.31 -2.25 31.20
N SER D 11 -37.48 -1.62 31.23
CA SER D 11 -37.95 -0.82 30.08
C SER D 11 -38.96 0.24 30.52
N GLY D 12 -39.19 1.19 29.64
CA GLY D 12 -40.21 2.23 29.80
C GLY D 12 -40.40 2.95 28.48
N SER D 13 -41.51 3.68 28.37
CA SER D 13 -41.83 4.56 27.23
C SER D 13 -41.23 5.92 27.52
N PRO D 14 -41.11 6.81 26.51
CA PRO D 14 -40.61 8.17 26.75
C PRO D 14 -41.40 8.85 27.90
N GLY D 15 -40.69 9.51 28.83
CA GLY D 15 -41.32 10.23 29.96
C GLY D 15 -41.48 9.38 31.22
N GLN D 16 -41.34 8.06 31.11
CA GLN D 16 -41.46 7.14 32.28
C GLN D 16 -40.17 7.18 33.09
N SER D 17 -40.24 6.59 34.27
CA SER D 17 -39.08 6.43 35.18
C SER D 17 -38.77 4.95 35.20
N VAL D 18 -37.50 4.62 35.31
CA VAL D 18 -37.09 3.23 35.59
C VAL D 18 -36.11 3.30 36.75
N THR D 19 -36.27 2.36 37.68
CA THR D 19 -35.33 2.09 38.78
C THR D 19 -34.75 0.69 38.56
N ILE D 20 -33.44 0.53 38.73
CA ILE D 20 -32.75 -0.78 38.64
C ILE D 20 -31.83 -0.95 39.85
N SER D 21 -31.77 -2.17 40.37
CA SER D 21 -31.12 -2.48 41.66
C SER D 21 -29.78 -3.17 41.39
N CYS D 22 -28.89 -3.06 42.35
CA CYS D 22 -27.54 -3.64 42.33
C CYS D 22 -27.31 -4.28 43.70
N THR D 23 -27.50 -5.60 43.80
CA THR D 23 -27.43 -6.35 45.08
C THR D 23 -26.06 -7.01 45.23
N GLY D 24 -25.33 -6.62 46.27
CA GLY D 24 -24.04 -7.20 46.69
C GLY D 24 -24.16 -7.82 48.07
N THR D 25 -23.15 -7.68 48.92
CA THR D 25 -23.08 -8.17 50.32
C THR D 25 -22.47 -7.09 51.21
N SER D 26 -22.46 -7.32 52.52
CA SER D 26 -22.02 -6.34 53.54
C SER D 26 -20.53 -6.03 53.36
N SER D 27 -19.77 -6.86 52.62
CA SER D 27 -18.31 -6.69 52.34
C SER D 27 -18.05 -5.83 51.09
N ASP D 28 -19.04 -5.62 50.21
CA ASP D 28 -18.84 -4.82 48.96
C ASP D 28 -19.82 -3.63 48.97
N VAL D 29 -21.06 -3.78 48.48
CA VAL D 29 -22.09 -2.69 48.39
C VAL D 29 -22.43 -2.18 49.80
N GLY D 30 -22.72 -3.08 50.74
CA GLY D 30 -22.97 -2.72 52.14
C GLY D 30 -21.73 -2.15 52.80
N GLY D 31 -20.55 -2.55 52.29
CA GLY D 31 -19.20 -2.23 52.79
C GLY D 31 -18.94 -0.74 52.87
N SER D 32 -19.13 -0.01 51.77
CA SER D 32 -18.76 1.43 51.67
C SER D 32 -19.67 2.20 50.70
N ASP D 33 -19.40 3.51 50.61
CA ASP D 33 -20.06 4.48 49.71
C ASP D 33 -19.16 4.76 48.51
N SER D 34 -18.62 3.72 47.87
CA SER D 34 -18.00 3.82 46.54
C SER D 34 -18.75 2.86 45.59
N VAL D 35 -20.07 3.04 45.48
CA VAL D 35 -20.90 2.42 44.42
C VAL D 35 -20.96 3.37 43.23
N SER D 36 -20.65 2.88 42.04
CA SER D 36 -20.71 3.65 40.80
C SER D 36 -21.71 3.01 39.83
N TRP D 37 -22.31 3.81 38.96
CA TRP D 37 -23.12 3.35 37.81
C TRP D 37 -22.51 3.89 36.52
N TYR D 38 -22.53 3.07 35.49
CA TYR D 38 -21.98 3.34 34.15
C TYR D 38 -23.09 3.08 33.13
N GLN D 39 -23.20 3.96 32.14
CA GLN D 39 -24.07 3.80 30.95
C GLN D 39 -23.18 3.39 29.79
N GLN D 40 -23.56 2.34 29.10
CA GLN D 40 -22.76 1.98 27.92
C GLN D 40 -23.69 1.70 26.76
N HIS D 41 -23.58 2.48 25.69
CA HIS D 41 -24.25 2.17 24.40
C HIS D 41 -23.46 1.03 23.79
N PRO D 42 -24.12 -0.04 23.29
CA PRO D 42 -23.39 -1.10 22.58
C PRO D 42 -22.35 -0.51 21.63
N GLY D 43 -21.12 -1.05 21.68
CA GLY D 43 -20.02 -0.64 20.79
C GLY D 43 -19.41 0.72 21.15
N LYS D 44 -19.77 1.31 22.29
CA LYS D 44 -19.16 2.56 22.78
C LYS D 44 -18.43 2.31 24.11
N ALA D 45 -17.52 3.20 24.45
CA ALA D 45 -16.84 3.25 25.75
C ALA D 45 -17.86 3.53 26.85
N PRO D 46 -17.65 3.07 28.12
CA PRO D 46 -18.64 3.31 29.17
C PRO D 46 -18.61 4.80 29.53
N LYS D 47 -19.69 5.30 30.11
CA LYS D 47 -19.80 6.67 30.68
C LYS D 47 -20.22 6.57 32.15
N LEU D 48 -19.41 7.14 33.03
CA LEU D 48 -19.71 7.26 34.48
C LEU D 48 -20.88 8.23 34.62
N ILE D 49 -21.98 7.77 35.22
CA ILE D 49 -23.17 8.63 35.45
C ILE D 49 -23.42 8.81 36.96
N ILE D 50 -22.89 7.94 37.82
CA ILE D 50 -22.98 8.07 39.30
C ILE D 50 -21.68 7.54 39.92
N TYR D 51 -21.12 8.29 40.88
CA TYR D 51 -20.04 7.79 41.79
C TYR D 51 -20.43 8.08 43.25
N GLU D 52 -19.80 7.36 44.18
CA GLU D 52 -20.04 7.46 45.64
C GLU D 52 -21.54 7.43 45.92
N VAL D 53 -22.24 6.45 45.34
CA VAL D 53 -23.68 6.10 45.57
C VAL D 53 -24.62 7.05 44.79
N SER D 54 -24.36 8.36 44.82
CA SER D 54 -25.39 9.42 44.64
C SER D 54 -24.86 10.61 43.84
N GLN D 55 -23.55 10.75 43.64
CA GLN D 55 -22.98 11.94 42.95
C GLN D 55 -23.03 11.76 41.44
N ARG D 56 -23.47 12.80 40.72
CA ARG D 56 -23.36 12.91 39.25
C ARG D 56 -22.13 13.71 38.85
N PRO D 57 -21.35 13.20 37.87
CA PRO D 57 -20.31 13.97 37.22
C PRO D 57 -20.93 15.16 36.49
N SER D 58 -20.11 16.12 36.09
CA SER D 58 -20.59 17.30 35.31
C SER D 58 -21.16 16.79 33.99
N GLY D 59 -22.30 17.32 33.57
CA GLY D 59 -22.94 16.99 32.28
C GLY D 59 -24.04 15.95 32.43
N VAL D 60 -23.89 15.02 33.38
CA VAL D 60 -24.97 14.05 33.68
C VAL D 60 -26.14 14.80 34.29
N PRO D 61 -27.34 14.77 33.66
CA PRO D 61 -28.49 15.53 34.17
C PRO D 61 -29.11 14.91 35.43
N ASN D 62 -29.92 15.70 36.15
CA ASN D 62 -30.56 15.29 37.43
C ASN D 62 -31.65 14.24 37.24
N ARG D 63 -32.00 13.93 36.01
CA ARG D 63 -32.92 12.79 35.70
C ARG D 63 -32.35 11.49 36.29
N PHE D 64 -31.04 11.42 36.44
CA PHE D 64 -30.29 10.24 36.93
C PHE D 64 -30.10 10.42 38.43
N SER D 65 -30.55 9.46 39.22
CA SER D 65 -30.28 9.52 40.69
C SER D 65 -29.87 8.15 41.20
N GLY D 66 -28.98 8.14 42.19
CA GLY D 66 -28.45 6.91 42.82
C GLY D 66 -28.71 6.94 44.31
N SER D 67 -29.02 5.77 44.89
CA SER D 67 -29.16 5.58 46.35
C SER D 67 -28.66 4.18 46.73
N LYS D 68 -28.73 3.88 48.02
CA LYS D 68 -28.21 2.64 48.65
C LYS D 68 -29.02 2.39 49.93
N SER D 69 -29.39 1.13 50.15
CA SER D 69 -30.09 0.67 51.36
C SER D 69 -29.58 -0.73 51.67
N GLY D 70 -28.75 -0.85 52.70
CA GLY D 70 -28.08 -2.11 53.09
C GLY D 70 -27.18 -2.58 51.97
N ASN D 71 -27.47 -3.76 51.40
CA ASN D 71 -26.59 -4.47 50.44
C ASN D 71 -27.07 -4.22 48.99
N THR D 72 -27.98 -3.27 48.79
CA THR D 72 -28.64 -2.98 47.49
C THR D 72 -28.52 -1.49 47.19
N ALA D 73 -27.79 -1.14 46.12
CA ALA D 73 -27.82 0.19 45.48
C ALA D 73 -28.89 0.20 44.39
N SER D 74 -29.39 1.39 44.05
CA SER D 74 -30.47 1.64 43.07
C SER D 74 -30.13 2.88 42.26
N LEU D 75 -30.32 2.79 40.95
CA LEU D 75 -30.23 3.91 39.99
C LEU D 75 -31.65 4.18 39.51
N THR D 76 -32.07 5.44 39.49
CA THR D 76 -33.37 5.84 38.90
C THR D 76 -33.06 6.76 37.72
N VAL D 77 -33.70 6.46 36.61
CA VAL D 77 -33.69 7.32 35.40
C VAL D 77 -35.12 7.75 35.18
N SER D 78 -35.40 9.02 35.43
CA SER D 78 -36.70 9.65 35.19
C SER D 78 -36.67 10.37 33.83
N GLY D 79 -37.86 10.68 33.28
CA GLY D 79 -38.03 11.36 31.99
C GLY D 79 -37.28 10.60 30.91
N LEU D 80 -37.52 9.29 30.77
CA LEU D 80 -36.80 8.39 29.84
C LEU D 80 -36.84 8.98 28.43
N GLN D 81 -35.67 9.06 27.81
CA GLN D 81 -35.43 9.55 26.44
C GLN D 81 -34.82 8.42 25.61
N ALA D 82 -34.99 8.52 24.30
CA ALA D 82 -34.34 7.62 23.32
C ALA D 82 -32.86 7.39 23.69
N GLU D 83 -32.12 8.45 24.01
CA GLU D 83 -30.66 8.36 24.30
C GLU D 83 -30.37 7.51 25.55
N ASP D 84 -31.35 7.20 26.41
CA ASP D 84 -31.14 6.40 27.64
C ASP D 84 -31.20 4.90 27.32
N ASP D 85 -31.64 4.53 26.11
CA ASP D 85 -31.63 3.11 25.67
C ASP D 85 -30.17 2.65 25.60
N ALA D 86 -29.76 1.76 26.52
CA ALA D 86 -28.35 1.43 26.77
C ALA D 86 -28.24 0.29 27.77
N ASP D 87 -27.02 -0.15 28.05
CA ASP D 87 -26.68 -1.08 29.16
C ASP D 87 -26.18 -0.26 30.33
N TYR D 88 -26.57 -0.66 31.54
CA TYR D 88 -26.20 0.04 32.80
C TYR D 88 -25.52 -0.97 33.70
N TYR D 89 -24.31 -0.62 34.17
CA TYR D 89 -23.51 -1.47 35.09
C TYR D 89 -23.31 -0.72 36.41
N CYS D 90 -23.34 -1.46 37.52
CA CYS D 90 -22.95 -0.93 38.86
C CYS D 90 -21.58 -1.48 39.22
N SER D 91 -20.80 -0.75 40.00
CA SER D 91 -19.54 -1.27 40.59
C SER D 91 -19.54 -0.95 42.08
N SER D 92 -18.84 -1.78 42.87
CA SER D 92 -18.52 -1.52 44.29
C SER D 92 -17.01 -1.65 44.45
N TYR D 93 -16.37 -0.62 45.00
CA TYR D 93 -14.91 -0.57 45.20
C TYR D 93 -14.67 -0.99 46.66
N GLY D 94 -14.64 -2.31 46.88
CA GLY D 94 -14.56 -2.94 48.21
C GLY D 94 -13.14 -3.28 48.63
N GLY D 95 -12.95 -4.46 49.24
CA GLY D 95 -11.69 -4.91 49.87
C GLY D 95 -10.86 -5.73 48.89
N ASP D 96 -9.53 -5.72 49.06
CA ASP D 96 -8.48 -6.49 48.32
C ASP D 96 -8.11 -5.76 47.02
N ASN D 97 -8.26 -4.43 46.97
CA ASN D 97 -8.39 -3.65 45.71
C ASN D 97 -9.31 -4.49 44.80
N ASN D 98 -10.44 -4.92 45.35
CA ASN D 98 -11.51 -5.65 44.62
C ASN D 98 -12.54 -4.62 44.17
N LEU D 99 -12.53 -4.37 42.88
CA LEU D 99 -13.60 -3.72 42.12
C LEU D 99 -14.57 -4.82 41.67
N PHE D 100 -15.76 -4.89 42.28
CA PHE D 100 -16.83 -5.85 41.91
C PHE D 100 -17.79 -5.18 40.92
N PHE D 101 -18.23 -5.90 39.89
CA PHE D 101 -19.17 -5.43 38.84
C PHE D 101 -20.47 -6.23 38.84
N GLY D 102 -21.58 -5.55 38.61
CA GLY D 102 -22.85 -6.23 38.29
C GLY D 102 -22.78 -6.82 36.92
N GLY D 103 -23.75 -7.67 36.58
CA GLY D 103 -23.88 -8.33 35.27
C GLY D 103 -24.44 -7.41 34.20
N GLY D 104 -24.97 -6.24 34.58
CA GLY D 104 -25.49 -5.24 33.63
C GLY D 104 -27.00 -5.37 33.41
N THR D 105 -27.67 -4.25 33.21
CA THR D 105 -29.10 -4.18 32.90
C THR D 105 -29.24 -3.48 31.54
N LYS D 106 -29.85 -4.17 30.57
CA LYS D 106 -30.31 -3.56 29.31
C LYS D 106 -31.60 -2.78 29.59
N VAL D 107 -31.55 -1.46 29.47
CA VAL D 107 -32.74 -0.57 29.53
C VAL D 107 -33.22 -0.32 28.10
N THR D 108 -34.45 -0.77 27.79
CA THR D 108 -35.13 -0.51 26.51
C THR D 108 -36.09 0.67 26.67
N VAL D 109 -35.95 1.68 25.82
CA VAL D 109 -36.94 2.77 25.69
C VAL D 109 -37.95 2.35 24.62
N LEU D 110 -39.12 1.90 25.08
CA LEU D 110 -40.23 1.38 24.25
C LEU D 110 -40.84 2.51 23.42
N GLY D 111 -41.38 2.16 22.24
CA GLY D 111 -42.22 3.03 21.41
C GLY D 111 -41.53 4.33 21.05
N GLN D 112 -40.24 4.27 20.71
CA GLN D 112 -39.54 5.44 20.11
C GLN D 112 -40.24 5.76 18.79
N PRO D 113 -40.14 7.01 18.30
CA PRO D 113 -40.88 7.43 17.12
C PRO D 113 -40.43 6.64 15.87
N LYS D 114 -41.40 6.15 15.08
CA LYS D 114 -41.20 5.59 13.71
C LYS D 114 -40.66 6.70 12.82
N ALA D 115 -39.68 6.38 11.96
CA ALA D 115 -39.06 7.36 11.04
C ALA D 115 -38.74 6.66 9.70
N ALA D 116 -39.32 7.16 8.60
CA ALA D 116 -39.04 6.68 7.25
C ALA D 116 -37.60 7.01 6.90
N PRO D 117 -36.91 6.14 6.14
CA PRO D 117 -35.54 6.44 5.72
C PRO D 117 -35.43 7.63 4.75
N SER D 118 -34.39 8.43 4.91
CA SER D 118 -33.83 9.30 3.86
C SER D 118 -33.03 8.38 2.95
N VAL D 119 -33.28 8.42 1.64
CA VAL D 119 -32.58 7.58 0.64
C VAL D 119 -31.89 8.48 -0.37
N THR D 120 -30.57 8.32 -0.52
CA THR D 120 -29.76 8.97 -1.58
C THR D 120 -28.95 7.92 -2.38
N LEU D 121 -29.10 7.98 -3.70
CA LEU D 121 -28.45 7.05 -4.63
C LEU D 121 -27.33 7.82 -5.35
N PHE D 122 -26.10 7.31 -5.28
CA PHE D 122 -24.91 7.95 -5.89
C PHE D 122 -24.47 7.10 -7.07
N PRO D 123 -24.37 7.68 -8.29
CA PRO D 123 -23.83 6.96 -9.44
C PRO D 123 -22.33 6.80 -9.31
N PRO D 124 -21.65 6.09 -10.22
CA PRO D 124 -20.21 5.93 -10.09
C PRO D 124 -19.47 7.29 -10.11
N SER D 125 -18.42 7.43 -9.29
CA SER D 125 -17.54 8.63 -9.20
C SER D 125 -16.57 8.68 -10.39
N SER D 126 -16.11 9.88 -10.76
CA SER D 126 -15.06 10.10 -11.79
C SER D 126 -13.91 9.12 -11.56
N GLU D 127 -13.35 9.15 -10.34
CA GLU D 127 -12.13 8.39 -9.97
C GLU D 127 -12.34 6.90 -10.28
N GLU D 128 -13.35 6.23 -9.68
CA GLU D 128 -13.43 4.74 -9.78
C GLU D 128 -13.73 4.35 -11.24
N LEU D 129 -14.40 5.21 -12.01
CA LEU D 129 -14.66 4.93 -13.45
C LEU D 129 -13.30 4.93 -14.19
N GLN D 130 -12.34 5.74 -13.72
CA GLN D 130 -10.93 5.79 -14.22
C GLN D 130 -10.27 4.44 -13.96
N ALA D 131 -10.42 3.92 -12.74
CA ALA D 131 -9.85 2.62 -12.29
C ALA D 131 -10.73 1.46 -12.77
N ASN D 132 -11.58 1.68 -13.78
CA ASN D 132 -12.41 0.60 -14.37
C ASN D 132 -13.25 -0.09 -13.28
N LYS D 133 -13.84 0.66 -12.34
CA LYS D 133 -14.90 0.17 -11.40
C LYS D 133 -16.15 1.07 -11.49
N ALA D 134 -17.35 0.53 -11.28
CA ALA D 134 -18.58 1.36 -11.40
C ALA D 134 -19.56 1.07 -10.26
N THR D 135 -19.09 1.04 -9.00
CA THR D 135 -19.92 0.81 -7.79
C THR D 135 -20.93 1.95 -7.58
N LEU D 136 -22.19 1.58 -7.35
CA LEU D 136 -23.27 2.51 -6.94
C LEU D 136 -23.45 2.32 -5.43
N VAL D 137 -23.80 3.39 -4.72
N VAL D 137 -23.81 3.37 -4.72
CA VAL D 137 -24.08 3.34 -3.25
CA VAL D 137 -24.09 3.29 -3.26
C VAL D 137 -25.43 4.01 -3.00
C VAL D 137 -25.42 4.00 -2.99
N CYS D 138 -26.29 3.31 -2.26
CA CYS D 138 -27.62 3.74 -1.85
C CYS D 138 -27.50 4.00 -0.35
N LEU D 139 -27.39 5.27 0.04
CA LEU D 139 -27.26 5.62 1.48
C LEU D 139 -28.67 5.73 2.09
N ILE D 140 -28.87 5.04 3.19
CA ILE D 140 -30.19 4.92 3.85
C ILE D 140 -29.98 5.37 5.29
N SER D 141 -30.51 6.53 5.66
CA SER D 141 -30.27 7.16 6.99
C SER D 141 -31.58 7.54 7.67
N ASP D 142 -31.48 7.78 8.98
CA ASP D 142 -32.50 8.44 9.83
C ASP D 142 -33.77 7.59 9.87
N PHE D 143 -33.67 6.27 9.84
CA PHE D 143 -34.88 5.42 9.94
C PHE D 143 -34.95 4.74 11.30
N TYR D 144 -36.17 4.36 11.68
CA TYR D 144 -36.49 3.67 12.95
C TYR D 144 -37.82 2.95 12.81
N PRO D 145 -37.97 1.66 13.17
CA PRO D 145 -36.90 0.84 13.72
C PRO D 145 -35.84 0.43 12.67
N GLY D 146 -34.86 -0.38 13.08
CA GLY D 146 -33.61 -0.61 12.32
C GLY D 146 -33.66 -1.81 11.39
N ALA D 147 -34.78 -1.99 10.71
CA ALA D 147 -35.01 -3.10 9.77
C ALA D 147 -35.37 -2.49 8.42
N VAL D 148 -34.66 -2.87 7.36
CA VAL D 148 -34.97 -2.42 5.96
C VAL D 148 -34.71 -3.60 5.05
N THR D 149 -35.40 -3.65 3.94
CA THR D 149 -35.03 -4.55 2.83
C THR D 149 -34.79 -3.68 1.60
N VAL D 150 -33.86 -4.13 0.76
CA VAL D 150 -33.32 -3.34 -0.37
C VAL D 150 -33.28 -4.25 -1.60
N ALA D 151 -33.79 -3.73 -2.70
CA ALA D 151 -33.80 -4.37 -4.02
C ALA D 151 -33.28 -3.34 -5.01
N TRP D 152 -32.52 -3.81 -5.99
CA TRP D 152 -31.98 -3.00 -7.09
C TRP D 152 -32.65 -3.38 -8.40
N LYS D 153 -32.79 -2.42 -9.29
CA LYS D 153 -33.25 -2.67 -10.67
C LYS D 153 -32.17 -2.17 -11.62
N ALA D 154 -32.06 -2.84 -12.76
CA ALA D 154 -31.26 -2.39 -13.93
C ALA D 154 -32.29 -2.13 -15.02
N ASP D 155 -32.50 -0.85 -15.37
CA ASP D 155 -33.73 -0.48 -16.13
C ASP D 155 -34.94 -0.89 -15.27
N SER D 156 -35.88 -1.69 -15.77
CA SER D 156 -37.06 -2.15 -15.01
C SER D 156 -36.83 -3.52 -14.38
N SER D 157 -35.67 -4.18 -14.62
CA SER D 157 -35.41 -5.61 -14.28
C SER D 157 -34.70 -5.77 -12.94
N PRO D 158 -35.03 -6.81 -12.16
CA PRO D 158 -34.31 -7.12 -10.92
C PRO D 158 -32.83 -7.35 -11.17
N VAL D 159 -31.98 -6.69 -10.37
CA VAL D 159 -30.53 -6.99 -10.24
C VAL D 159 -30.41 -8.11 -9.22
N LYS D 160 -29.83 -9.25 -9.58
CA LYS D 160 -29.71 -10.40 -8.63
C LYS D 160 -28.25 -10.63 -8.23
N ALA D 161 -27.28 -9.97 -8.87
CA ALA D 161 -25.83 -10.18 -8.65
C ALA D 161 -25.21 -8.89 -8.14
N GLY D 162 -24.20 -9.01 -7.27
CA GLY D 162 -23.31 -7.91 -6.85
C GLY D 162 -23.93 -6.99 -5.80
N VAL D 163 -25.00 -7.39 -5.13
CA VAL D 163 -25.66 -6.51 -4.10
C VAL D 163 -25.05 -6.83 -2.72
N GLU D 164 -24.71 -5.80 -1.95
CA GLU D 164 -24.41 -5.97 -0.50
C GLU D 164 -25.13 -4.86 0.24
N THR D 165 -25.66 -5.17 1.42
CA THR D 165 -26.31 -4.19 2.29
C THR D 165 -25.77 -4.34 3.72
N THR D 166 -25.33 -3.26 4.34
CA THR D 166 -24.73 -3.35 5.68
C THR D 166 -25.88 -3.56 6.68
N THR D 167 -25.55 -4.14 7.82
CA THR D 167 -26.45 -4.28 8.98
C THR D 167 -26.71 -2.91 9.56
N PRO D 168 -27.98 -2.45 9.63
CA PRO D 168 -28.29 -1.11 10.12
C PRO D 168 -27.62 -0.91 11.48
N SER D 169 -26.99 0.25 11.70
CA SER D 169 -26.44 0.64 13.01
C SER D 169 -27.03 1.96 13.51
N LYS D 170 -27.26 2.05 14.82
CA LYS D 170 -27.80 3.27 15.46
C LYS D 170 -26.76 4.38 15.40
N GLN D 171 -27.11 5.56 14.89
CA GLN D 171 -26.19 6.71 14.75
C GLN D 171 -26.46 7.72 15.89
N SER D 172 -25.77 8.85 15.91
CA SER D 172 -25.82 9.84 17.02
C SER D 172 -27.25 10.38 17.26
N ASN D 173 -28.14 10.36 16.27
CA ASN D 173 -29.52 10.91 16.42
C ASN D 173 -30.48 9.81 16.94
N ASN D 174 -29.97 8.67 17.42
CA ASN D 174 -30.73 7.47 17.91
C ASN D 174 -31.59 6.88 16.77
N LYS D 175 -31.19 7.09 15.52
CA LYS D 175 -31.87 6.46 14.36
C LYS D 175 -30.79 5.72 13.56
N TYR D 176 -31.23 4.84 12.67
CA TYR D 176 -30.35 3.84 12.03
C TYR D 176 -29.85 4.40 10.72
N ALA D 177 -28.73 3.84 10.28
CA ALA D 177 -28.14 4.14 8.98
C ALA D 177 -27.54 2.85 8.44
N ALA D 178 -27.51 2.76 7.11
CA ALA D 178 -26.98 1.61 6.34
C ALA D 178 -26.70 2.08 4.92
N SER D 179 -25.88 1.30 4.24
CA SER D 179 -25.55 1.47 2.82
C SER D 179 -25.81 0.15 2.10
N SER D 180 -26.48 0.23 0.96
CA SER D 180 -26.51 -0.87 -0.02
C SER D 180 -25.59 -0.42 -1.15
N TYR D 181 -24.76 -1.31 -1.64
CA TYR D 181 -23.82 -0.99 -2.75
C TYR D 181 -23.86 -2.11 -3.79
N LEU D 182 -23.76 -1.69 -5.05
CA LEU D 182 -23.93 -2.54 -6.24
C LEU D 182 -22.64 -2.39 -7.05
N SER D 183 -21.85 -3.46 -7.16
CA SER D 183 -20.54 -3.44 -7.85
C SER D 183 -20.78 -3.74 -9.32
N LEU D 184 -20.76 -2.73 -10.16
CA LEU D 184 -20.91 -2.92 -11.62
C LEU D 184 -19.54 -2.71 -12.25
N THR D 185 -19.39 -3.27 -13.45
CA THR D 185 -18.31 -2.94 -14.40
C THR D 185 -18.74 -1.64 -15.09
N PRO D 186 -17.79 -0.80 -15.57
CA PRO D 186 -18.15 0.35 -16.41
C PRO D 186 -19.06 0.01 -17.58
N GLU D 187 -18.97 -1.22 -18.10
CA GLU D 187 -19.76 -1.71 -19.26
C GLU D 187 -21.23 -1.87 -18.84
N GLN D 188 -21.47 -2.47 -17.67
CA GLN D 188 -22.86 -2.66 -17.19
C GLN D 188 -23.48 -1.27 -16.96
N TRP D 189 -22.76 -0.39 -16.28
CA TRP D 189 -23.24 0.99 -15.97
C TRP D 189 -23.63 1.71 -17.27
N LYS D 190 -22.71 1.74 -18.24
CA LYS D 190 -22.84 2.52 -19.51
C LYS D 190 -23.89 1.92 -20.45
N SER D 191 -24.20 0.62 -20.33
CA SER D 191 -25.07 -0.12 -21.28
C SER D 191 -26.54 -0.11 -20.83
N HIS D 192 -26.86 0.45 -19.67
CA HIS D 192 -28.26 0.55 -19.19
C HIS D 192 -28.70 2.01 -19.20
N ARG D 193 -30.02 2.21 -19.30
CA ARG D 193 -30.65 3.55 -19.31
C ARG D 193 -30.62 4.07 -17.87
N SER D 194 -30.77 3.19 -16.88
CA SER D 194 -30.71 3.59 -15.45
C SER D 194 -30.50 2.40 -14.52
N TYR D 195 -30.16 2.70 -13.28
CA TYR D 195 -30.23 1.79 -12.11
C TYR D 195 -31.08 2.44 -11.03
N SER D 196 -31.80 1.59 -10.31
CA SER D 196 -32.71 2.00 -9.21
C SER D 196 -32.43 1.22 -7.94
N CYS D 197 -32.51 1.89 -6.78
CA CYS D 197 -32.40 1.25 -5.46
C CYS D 197 -33.77 1.39 -4.81
N GLN D 198 -34.43 0.29 -4.42
CA GLN D 198 -35.77 0.34 -3.78
C GLN D 198 -35.62 -0.10 -2.33
N VAL D 199 -36.01 0.75 -1.41
CA VAL D 199 -35.81 0.54 0.05
C VAL D 199 -37.19 0.40 0.68
N THR D 200 -37.40 -0.71 1.34
CA THR D 200 -38.69 -0.98 2.04
C THR D 200 -38.43 -0.90 3.54
N HIS D 201 -39.19 -0.02 4.20
CA HIS D 201 -39.19 0.16 5.67
C HIS D 201 -40.64 0.20 6.15
N GLU D 202 -41.02 -0.81 6.94
CA GLU D 202 -42.35 -0.88 7.62
C GLU D 202 -43.43 -0.86 6.54
N GLY D 203 -43.29 -1.70 5.51
CA GLY D 203 -44.27 -1.81 4.41
C GLY D 203 -44.29 -0.63 3.43
N SER D 204 -43.65 0.53 3.69
CA SER D 204 -43.52 1.67 2.74
C SER D 204 -42.22 1.56 1.94
N THR D 205 -42.28 1.83 0.63
CA THR D 205 -41.12 1.73 -0.30
C THR D 205 -40.76 3.10 -0.89
N VAL D 206 -39.48 3.40 -0.87
CA VAL D 206 -38.84 4.60 -1.45
C VAL D 206 -37.95 4.10 -2.59
N GLU D 207 -38.11 4.64 -3.78
CA GLU D 207 -37.27 4.23 -4.95
C GLU D 207 -36.50 5.47 -5.41
N LYS D 208 -35.20 5.29 -5.64
CA LYS D 208 -34.35 6.32 -6.28
C LYS D 208 -33.75 5.71 -7.54
N THR D 209 -33.56 6.54 -8.56
CA THR D 209 -33.03 6.18 -9.90
C THR D 209 -31.89 7.12 -10.30
N VAL D 210 -30.81 6.61 -10.87
CA VAL D 210 -29.74 7.42 -11.49
C VAL D 210 -29.41 6.85 -12.85
N ALA D 211 -28.79 7.65 -13.70
CA ALA D 211 -28.56 7.30 -15.12
C ALA D 211 -27.17 7.81 -15.52
N PRO D 212 -26.49 7.12 -16.46
CA PRO D 212 -25.17 7.57 -16.93
C PRO D 212 -25.14 9.05 -17.34
N THR D 213 -24.10 9.80 -16.93
CA THR D 213 -24.09 11.30 -16.86
C THR D 213 -23.81 11.89 -18.24
C1 Y4Q E . 17.01 -11.03 -39.68
C1 Y4Q E . 17.02 -11.83 -39.15
C2 Y4Q E . 17.91 -10.56 -37.64
C2 Y4Q E . 17.93 -10.59 -37.48
C3 Y4Q E . 19.40 -9.04 -34.91
C3 Y4Q E . 19.33 -9.40 -34.53
C4 Y4Q E . 19.80 -9.19 -33.89
C4 Y4Q E . 20.02 -8.56 -34.11
C5 Y4Q E . 20.46 -8.23 -33.26
C5 Y4Q E . 20.54 -8.65 -32.88
C6 Y4Q E . 21.00 -8.25 -31.90
C6 Y4Q E . 21.22 -7.62 -32.10
C7 Y4Q E . 20.88 -9.41 -31.12
C7 Y4Q E . 21.45 -6.36 -32.65
C8 Y4Q E . 21.42 -9.49 -29.85
C8 Y4Q E . 22.14 -5.38 -31.96
C9 Y4Q E . 22.08 -8.41 -29.31
C9 Y4Q E . 22.63 -5.64 -30.70
O1 Y4Q E . 22.01 -4.91 -31.47
O1 Y4Q E . 22.38 -9.50 -29.39
O2 Y4Q E . 17.27 -14.02 -37.57
O2 Y4Q E . 17.28 -8.39 -40.12
N3 Y4Q E . 21.91 -5.97 -32.07
N3 Y4Q E . 21.53 -9.11 -30.16
O Y4Q E . 22.00 -6.07 -33.28
O Y4Q E . 20.52 -9.76 -30.43
C11 Y4Q E . 21.68 -7.19 -31.31
C11 Y4Q E . 21.71 -7.83 -30.82
C10 Y4Q E . 22.22 -7.25 -30.04
C10 Y4Q E . 22.41 -6.86 -30.11
N2 Y4Q E . 18.88 -9.98 -35.58
N2 Y4Q E . 18.90 -9.36 -35.72
N1 Y4Q E . 18.49 -9.63 -36.84
N1 Y4Q E . 18.45 -10.55 -36.22
N Y4Q E . 17.55 -10.13 -38.86
N Y4Q E . 17.51 -11.79 -37.90
N4 Y4Q E . 17.79 -11.81 -37.14
N4 Y4Q E . 17.90 -9.43 -38.16
C12 Y4Q E . 17.27 -12.73 -37.99
C12 Y4Q E . 17.39 -9.50 -39.41
C13 Y4Q E . 16.85 -12.36 -39.29
C13 Y4Q E . 16.94 -10.69 -39.94
C Y4Q E . 16.58 -10.54 -41.02
C Y4Q E . 16.54 -13.17 -39.64
P PO4 F . 31.43 -11.34 -11.87
O1 PO4 F . 32.18 -10.68 -13.00
O2 PO4 F . 32.29 -12.45 -11.26
O3 PO4 F . 30.14 -11.97 -12.39
O4 PO4 F . 31.10 -10.33 -10.81
P PO4 G . -14.17 -11.80 13.62
O1 PO4 G . -14.97 -11.31 12.45
O2 PO4 G . -13.33 -12.99 13.20
O3 PO4 G . -13.23 -10.71 14.09
O4 PO4 G . -15.11 -12.18 14.73
C1 Y4Q H . -12.26 2.57 40.44
C1 Y4Q H . -13.12 2.91 40.82
C2 Y4Q H . -13.57 2.02 38.65
C2 Y4Q H . -13.63 2.08 38.76
C3 Y4Q H . -14.82 0.79 35.66
C3 Y4Q H . -15.35 0.84 35.96
C4 Y4Q H . -15.74 0.59 34.97
C4 Y4Q H . -15.15 0.51 34.80
C5 Y4Q H . -15.58 0.10 33.75
C5 Y4Q H . -16.15 0.21 33.96
C6 Y4Q H . -16.64 -0.36 32.86
C6 Y4Q H . -16.00 -0.40 32.63
C7 Y4Q H . -17.98 -0.24 33.25
C7 Y4Q H . -14.72 -0.70 32.14
C8 Y4Q H . -19.02 -0.56 32.39
C8 Y4Q H . -14.54 -1.23 30.87
C9 Y4Q H . -18.75 -1.03 31.12
C9 Y4Q H . -15.63 -1.47 30.06
O1 Y4Q H . -14.16 -0.46 31.49
O1 Y4Q H . -18.63 -0.45 33.44
O2 Y4Q H . -15.72 3.42 41.03
O2 Y4Q H . -10.13 1.78 39.10
N3 Y4Q H . -15.06 -1.17 31.12
N3 Y4Q H . -18.43 -0.49 32.24
O Y4Q H . -14.89 -2.14 30.40
O Y4Q H . -19.31 -0.36 31.40
C11 Y4Q H . -16.42 -0.86 31.57
C11 Y4Q H . -17.07 -0.68 31.78
C10 Y4Q H . -17.45 -1.18 30.69
C10 Y4Q H . -16.91 -1.20 30.51
N2 Y4Q H . -14.86 1.33 36.80
N2 Y4Q H . -14.32 1.14 36.67
N1 Y4Q H . -13.65 1.44 37.42
N1 Y4Q H . -14.60 1.71 37.89
N Y4Q H . -12.35 2.07 39.20
N Y4Q H . -14.06 2.64 39.90
N4 Y4Q H . -14.72 2.46 39.19
N4 Y4Q H . -12.36 1.77 38.43
C12 Y4Q H . -14.62 2.98 40.44
C12 Y4Q H . -11.43 2.06 39.38
C13 Y4Q H . -13.38 3.05 41.10
C13 Y4Q H . -11.79 2.62 40.61
C Y4Q H . -10.91 2.58 41.08
C Y4Q H . -13.60 3.53 42.10
#